data_9IFQ
#
_entry.id   9IFQ
#
_cell.length_a   272.213
_cell.length_b   75.112
_cell.length_c   105.385
_cell.angle_alpha   90.00
_cell.angle_beta   111.68
_cell.angle_gamma   90.00
#
_symmetry.space_group_name_H-M   'C 1 2 1'
#
loop_
_entity.id
_entity.type
_entity.pdbx_description
1 polymer 'Heme-thiolate peroxidase'
2 branched alpha-D-mannopyranose-(1-3)-[alpha-D-mannopyranose-(1-6)]beta-D-mannopyranose-(1-4)-2-acetamido-2-deoxy-beta-D-glucopyranose-(1-4)-2-acetamido-2-deoxy-beta-D-glucopyranose
3 branched alpha-D-mannopyranose-(1-3)-[alpha-D-mannopyranose-(1-6)]alpha-D-mannopyranose-(1-6)-[alpha-D-mannopyranose-(1-3)]beta-D-mannopyranose-(1-4)-2-acetamido-2-deoxy-beta-D-glucopyranose-(1-4)-2-acetamido-2-deoxy-beta-D-glucopyranose
4 branched alpha-D-mannopyranose-(1-3)-alpha-D-mannopyranose-(1-6)-[alpha-D-mannopyranose-(1-3)]beta-D-mannopyranose-(1-4)-2-acetamido-2-deoxy-beta-D-glucopyranose-(1-4)-2-acetamido-2-deoxy-beta-D-glucopyranose
5 branched alpha-D-mannopyranose-(1-3)-beta-D-mannopyranose-(1-4)-2-acetamido-2-deoxy-beta-D-glucopyranose-(1-4)-2-acetamido-2-deoxy-beta-D-glucopyranose
6 branched beta-D-mannopyranose-(1-4)-2-acetamido-2-deoxy-beta-D-glucopyranose-(1-4)-2-acetamido-2-deoxy-beta-D-glucopyranose
7 non-polymer 'PROTOPORPHYRIN IX CONTAINING FE'
8 non-polymer '4-(2-HYDROXYETHYL)-1-PIPERAZINE ETHANESULFONIC ACID'
9 non-polymer 5-HYDROXYMETHYL-FURFURAL
10 non-polymer GLYCEROL
11 non-polymer 'MAGNESIUM ION'
12 non-polymer 'SULFATE ION'
13 water water
#
_entity_poly.entity_id   1
_entity_poly.type   'polypeptide(L)'
_entity_poly.pdbx_seq_one_letter_code
;QGVDPPPPPGPPSFTGTKLVNDADHPWQPLREGDIRGPCPGLNTLASHGYLPRDGVATPAQIITATQEGFNFENNAAIVA
TYLGHLLNGNLVTDLLSIGGATPKTGPPPPPPAHAGGLNVHGTFEGDAGMTRADEFFGDNHSFNQTLFDKFVDFSNRYGG
GFYNLTVAGELRYSRIQDSIATNPEFQFKNVRFITAYGETVFPINLFVDGRVTTDRKLSMEDAASIFRDMRFPDDFHRSA
VPASNEGADQVLAAHPWVPGGNADNQVNNYVEDPDSADFTHLCRLYEFVVGSVQELYPNPTGILRRNLIKNLHYWWTGVN
VAFGGCDELFPYGQL
;
_entity_poly.pdbx_strand_id   A,B,C
#
# COMPACT_ATOMS: atom_id res chain seq x y z
N GLN A 1 -23.23 -43.99 -8.27
CA GLN A 1 -22.45 -45.01 -9.03
C GLN A 1 -21.59 -44.38 -10.13
N GLY A 2 -21.87 -43.11 -10.51
CA GLY A 2 -20.97 -42.29 -11.32
C GLY A 2 -21.66 -41.64 -12.52
N VAL A 3 -20.85 -40.93 -13.29
CA VAL A 3 -21.30 -40.09 -14.40
C VAL A 3 -20.72 -40.61 -15.70
N ASP A 4 -21.39 -40.28 -16.81
CA ASP A 4 -20.88 -40.52 -18.15
C ASP A 4 -20.31 -39.21 -18.70
N PRO A 5 -18.98 -39.02 -18.80
CA PRO A 5 -18.40 -37.69 -19.08
C PRO A 5 -18.53 -37.30 -20.55
N PRO A 6 -19.10 -36.12 -20.86
CA PRO A 6 -19.32 -35.69 -22.25
C PRO A 6 -18.00 -35.25 -22.86
N PRO A 7 -17.87 -35.19 -24.20
CA PRO A 7 -16.66 -34.71 -24.84
C PRO A 7 -16.48 -33.23 -24.52
N PRO A 8 -15.25 -32.68 -24.63
CA PRO A 8 -15.05 -31.26 -24.31
C PRO A 8 -15.83 -30.34 -25.24
N PRO A 9 -16.26 -29.16 -24.74
CA PRO A 9 -16.78 -28.10 -25.60
C PRO A 9 -15.73 -27.75 -26.65
N GLY A 10 -16.24 -27.30 -27.81
CA GLY A 10 -15.43 -26.67 -28.83
C GLY A 10 -15.21 -25.21 -28.50
N PRO A 11 -14.56 -24.45 -29.41
CA PRO A 11 -14.35 -23.02 -29.21
C PRO A 11 -15.70 -22.29 -29.04
N PRO A 12 -15.75 -21.11 -28.39
CA PRO A 12 -17.01 -20.39 -28.29
C PRO A 12 -17.47 -19.88 -29.66
N SER A 13 -18.79 -19.78 -29.82
CA SER A 13 -19.41 -19.23 -31.02
CA SER A 13 -19.39 -19.25 -31.05
C SER A 13 -18.90 -17.83 -31.31
N PHE A 14 -18.77 -17.01 -30.25
CA PHE A 14 -18.27 -15.64 -30.35
C PHE A 14 -16.87 -15.60 -29.73
N THR A 15 -15.87 -15.14 -30.51
CA THR A 15 -14.48 -15.17 -30.08
C THR A 15 -13.91 -13.76 -29.95
N GLY A 16 -14.76 -12.73 -30.01
CA GLY A 16 -14.28 -11.36 -29.91
C GLY A 16 -14.15 -10.92 -28.44
N THR A 17 -13.74 -9.67 -28.23
CA THR A 17 -13.66 -9.12 -26.89
C THR A 17 -15.08 -8.92 -26.37
N LYS A 18 -15.21 -8.95 -25.04
CA LYS A 18 -16.42 -8.56 -24.36
C LYS A 18 -16.13 -8.27 -22.90
N LEU A 19 -17.06 -7.57 -22.25
CA LEU A 19 -17.00 -7.36 -20.82
C LEU A 19 -17.24 -8.69 -20.11
N VAL A 20 -16.27 -9.13 -19.29
CA VAL A 20 -16.43 -10.36 -18.55
C VAL A 20 -16.63 -10.07 -17.08
N ASN A 21 -16.14 -8.95 -16.58
CA ASN A 21 -16.43 -8.54 -15.21
C ASN A 21 -17.76 -7.79 -15.20
N ASP A 22 -18.86 -8.53 -15.30
CA ASP A 22 -20.16 -7.93 -15.57
C ASP A 22 -21.09 -8.22 -14.39
N ALA A 23 -22.31 -7.71 -14.50
CA ALA A 23 -23.22 -7.72 -13.36
C ALA A 23 -23.59 -9.15 -13.00
N ASP A 24 -23.61 -10.05 -14.00
CA ASP A 24 -23.98 -11.43 -13.76
C ASP A 24 -22.84 -12.22 -13.11
N HIS A 25 -21.61 -11.68 -13.11
CA HIS A 25 -20.44 -12.41 -12.63
C HIS A 25 -19.70 -11.55 -11.60
N PRO A 26 -20.36 -11.18 -10.48
CA PRO A 26 -19.72 -10.33 -9.48
C PRO A 26 -18.68 -11.10 -8.65
N TRP A 27 -17.57 -10.42 -8.31
CA TRP A 27 -16.67 -10.96 -7.30
C TRP A 27 -17.43 -11.15 -6.00
N GLN A 28 -17.20 -12.28 -5.34
CA GLN A 28 -17.75 -12.52 -4.01
C GLN A 28 -16.69 -13.17 -3.14
N PRO A 29 -16.74 -12.91 -1.81
CA PRO A 29 -15.78 -13.50 -0.89
C PRO A 29 -16.00 -15.00 -0.71
N LEU A 30 -14.97 -15.67 -0.21
CA LEU A 30 -15.01 -17.09 0.05
C LEU A 30 -16.00 -17.40 1.14
N ARG A 31 -16.77 -18.49 0.97
CA ARG A 31 -17.54 -19.08 2.05
C ARG A 31 -16.82 -20.31 2.58
N GLU A 32 -17.25 -20.79 3.74
CA GLU A 32 -16.75 -22.03 4.32
C GLU A 32 -16.87 -23.17 3.31
N GLY A 33 -15.79 -23.90 3.13
CA GLY A 33 -15.76 -25.02 2.19
C GLY A 33 -15.30 -24.66 0.77
N ASP A 34 -15.25 -23.37 0.41
CA ASP A 34 -14.83 -22.96 -0.93
C ASP A 34 -13.36 -23.27 -1.13
N ILE A 35 -13.00 -23.80 -2.30
CA ILE A 35 -11.64 -24.22 -2.58
C ILE A 35 -10.99 -23.25 -3.57
N ARG A 36 -9.76 -22.84 -3.27
CA ARG A 36 -8.94 -22.09 -4.21
C ARG A 36 -7.57 -22.72 -4.21
N GLY A 37 -6.75 -22.43 -5.23
CA GLY A 37 -5.51 -23.17 -5.43
C GLY A 37 -4.42 -22.35 -6.09
N PRO A 38 -3.53 -23.02 -6.82
CA PRO A 38 -2.34 -22.36 -7.37
C PRO A 38 -2.53 -21.63 -8.68
N CYS A 39 -3.71 -21.77 -9.29
CA CYS A 39 -3.98 -21.14 -10.58
C CYS A 39 -4.78 -19.85 -10.40
N PRO A 40 -4.19 -18.68 -10.70
CA PRO A 40 -4.93 -17.43 -10.59
C PRO A 40 -6.06 -17.31 -11.60
N GLY A 41 -5.93 -18.00 -12.74
CA GLY A 41 -6.98 -17.97 -13.73
C GLY A 41 -8.26 -18.63 -13.23
N LEU A 42 -8.13 -19.90 -12.82
CA LEU A 42 -9.27 -20.63 -12.28
C LEU A 42 -9.78 -19.97 -11.00
N ASN A 43 -8.88 -19.50 -10.13
CA ASN A 43 -9.30 -18.86 -8.90
C ASN A 43 -10.22 -17.67 -9.19
N THR A 44 -9.81 -16.82 -10.15
CA THR A 44 -10.58 -15.64 -10.49
C THR A 44 -11.93 -16.06 -11.13
N LEU A 45 -11.92 -17.08 -11.98
CA LEU A 45 -13.16 -17.56 -12.58
C LEU A 45 -14.12 -18.07 -11.50
N ALA A 46 -13.61 -18.75 -10.47
CA ALA A 46 -14.45 -19.23 -9.39
C ALA A 46 -15.01 -18.07 -8.58
N SER A 47 -14.16 -17.08 -8.27
CA SER A 47 -14.58 -15.99 -7.40
C SER A 47 -15.50 -15.01 -8.13
N HIS A 48 -15.65 -15.13 -9.46
CA HIS A 48 -16.64 -14.37 -10.21
C HIS A 48 -17.82 -15.23 -10.70
N GLY A 49 -17.86 -16.51 -10.31
CA GLY A 49 -19.00 -17.36 -10.65
C GLY A 49 -19.01 -17.87 -12.10
N TYR A 50 -17.90 -17.73 -12.83
CA TYR A 50 -17.75 -18.38 -14.12
C TYR A 50 -17.60 -19.90 -13.92
N LEU A 51 -16.92 -20.29 -12.84
CA LEU A 51 -16.93 -21.64 -12.31
C LEU A 51 -17.83 -21.65 -11.08
N PRO A 52 -18.26 -22.84 -10.61
CA PRO A 52 -18.88 -22.96 -9.29
C PRO A 52 -18.00 -22.26 -8.25
N ARG A 53 -18.63 -21.49 -7.37
CA ARG A 53 -17.93 -20.64 -6.43
C ARG A 53 -17.17 -21.47 -5.40
N ASP A 54 -17.52 -22.76 -5.28
CA ASP A 54 -16.83 -23.62 -4.34
C ASP A 54 -15.54 -24.17 -4.91
N GLY A 55 -15.22 -23.90 -6.18
CA GLY A 55 -13.92 -24.30 -6.69
C GLY A 55 -13.82 -25.77 -7.08
N VAL A 56 -14.97 -26.43 -7.22
CA VAL A 56 -15.03 -27.81 -7.71
C VAL A 56 -15.89 -27.80 -8.96
N ALA A 57 -15.38 -28.38 -10.04
CA ALA A 57 -16.07 -28.30 -11.32
C ALA A 57 -15.78 -29.53 -12.20
N THR A 58 -16.59 -29.68 -13.25
CA THR A 58 -16.36 -30.68 -14.27
C THR A 58 -15.31 -30.15 -15.24
N PRO A 59 -14.60 -31.02 -15.97
CA PRO A 59 -13.77 -30.59 -17.08
C PRO A 59 -14.48 -29.64 -18.04
N ALA A 60 -15.70 -30.04 -18.43
CA ALA A 60 -16.48 -29.24 -19.37
C ALA A 60 -16.72 -27.85 -18.81
N GLN A 61 -17.10 -27.74 -17.54
CA GLN A 61 -17.27 -26.43 -16.91
C GLN A 61 -15.99 -25.60 -16.94
N ILE A 62 -14.83 -26.24 -16.72
CA ILE A 62 -13.56 -25.52 -16.68
C ILE A 62 -13.23 -24.99 -18.08
N ILE A 63 -13.40 -25.84 -19.09
CA ILE A 63 -13.10 -25.42 -20.45
C ILE A 63 -13.97 -24.21 -20.82
N THR A 64 -15.27 -24.29 -20.59
CA THR A 64 -16.17 -23.23 -20.99
CA THR A 64 -16.18 -23.22 -21.00
C THR A 64 -15.86 -21.95 -20.20
N ALA A 65 -15.51 -22.09 -18.91
CA ALA A 65 -15.22 -20.93 -18.08
C ALA A 65 -13.95 -20.22 -18.56
N THR A 66 -12.91 -20.99 -18.94
CA THR A 66 -11.67 -20.37 -19.38
C THR A 66 -11.89 -19.65 -20.72
N GLN A 67 -12.72 -20.21 -21.59
CA GLN A 67 -13.09 -19.57 -22.84
C GLN A 67 -13.93 -18.32 -22.60
N GLU A 68 -15.01 -18.44 -21.82
CA GLU A 68 -15.93 -17.35 -21.59
C GLU A 68 -15.23 -16.18 -20.92
N GLY A 69 -14.46 -16.47 -19.87
CA GLY A 69 -13.88 -15.46 -19.00
C GLY A 69 -12.61 -14.82 -19.57
N PHE A 70 -11.78 -15.60 -20.27
CA PHE A 70 -10.48 -15.13 -20.69
C PHE A 70 -10.20 -15.30 -22.18
N ASN A 71 -11.08 -16.01 -22.90
CA ASN A 71 -10.83 -16.37 -24.30
C ASN A 71 -9.59 -17.24 -24.39
N PHE A 72 -9.42 -18.13 -23.40
CA PHE A 72 -8.38 -19.14 -23.48
C PHE A 72 -8.68 -20.00 -24.71
N GLU A 73 -7.65 -20.27 -25.51
CA GLU A 73 -7.84 -21.02 -26.75
C GLU A 73 -8.28 -22.45 -26.44
N ASN A 74 -9.17 -22.97 -27.27
CA ASN A 74 -9.87 -24.23 -27.03
C ASN A 74 -8.90 -25.39 -26.76
N ASN A 75 -7.92 -25.58 -27.65
CA ASN A 75 -7.00 -26.70 -27.50
CA ASN A 75 -6.99 -26.70 -27.51
C ASN A 75 -6.12 -26.53 -26.26
N ALA A 76 -5.66 -25.29 -25.97
CA ALA A 76 -4.90 -25.05 -24.77
C ALA A 76 -5.74 -25.40 -23.52
N ALA A 77 -7.04 -25.09 -23.57
CA ALA A 77 -7.93 -25.38 -22.46
C ALA A 77 -8.09 -26.89 -22.29
N ILE A 78 -8.20 -27.61 -23.40
CA ILE A 78 -8.38 -29.05 -23.37
C ILE A 78 -7.10 -29.68 -22.82
N VAL A 79 -5.93 -29.22 -23.27
CA VAL A 79 -4.68 -29.79 -22.81
C VAL A 79 -4.52 -29.61 -21.31
N ALA A 80 -4.77 -28.38 -20.83
CA ALA A 80 -4.60 -28.12 -19.42
C ALA A 80 -5.64 -28.86 -18.58
N THR A 81 -6.89 -28.86 -19.02
CA THR A 81 -7.97 -29.32 -18.16
C THR A 81 -7.90 -30.83 -17.93
N TYR A 82 -7.72 -31.60 -19.01
CA TYR A 82 -7.74 -33.05 -18.89
C TYR A 82 -6.44 -33.53 -18.27
N LEU A 83 -5.34 -32.78 -18.43
CA LEU A 83 -4.10 -33.11 -17.72
C LEU A 83 -4.39 -33.03 -16.21
N GLY A 84 -4.98 -31.91 -15.79
CA GLY A 84 -5.30 -31.71 -14.39
C GLY A 84 -6.28 -32.77 -13.90
N HIS A 85 -7.27 -33.12 -14.73
CA HIS A 85 -8.31 -34.05 -14.32
C HIS A 85 -7.79 -35.49 -14.22
N LEU A 86 -7.04 -35.94 -15.23
CA LEU A 86 -6.50 -37.29 -15.22
C LEU A 86 -5.67 -37.53 -13.96
N LEU A 87 -4.79 -36.59 -13.64
CA LEU A 87 -3.84 -36.73 -12.55
C LEU A 87 -4.46 -36.41 -11.20
N ASN A 88 -5.38 -35.43 -11.12
CA ASN A 88 -5.77 -34.85 -9.85
C ASN A 88 -7.28 -34.82 -9.60
N GLY A 89 -8.06 -35.33 -10.56
CA GLY A 89 -9.51 -35.30 -10.44
C GLY A 89 -10.11 -36.66 -10.15
N ASN A 90 -11.44 -36.65 -9.90
CA ASN A 90 -12.20 -37.87 -9.71
C ASN A 90 -12.90 -38.22 -11.01
N LEU A 91 -12.43 -39.31 -11.65
CA LEU A 91 -12.87 -39.68 -12.98
C LEU A 91 -14.28 -40.27 -12.97
N VAL A 92 -14.70 -40.79 -11.82
CA VAL A 92 -16.01 -41.41 -11.70
C VAL A 92 -17.09 -40.36 -11.52
N THR A 93 -16.85 -39.35 -10.67
CA THR A 93 -17.84 -38.29 -10.48
C THR A 93 -17.68 -37.18 -11.52
N ASP A 94 -16.56 -37.18 -12.26
CA ASP A 94 -16.20 -36.16 -13.25
C ASP A 94 -16.02 -34.79 -12.59
N LEU A 95 -15.40 -34.75 -11.41
CA LEU A 95 -15.20 -33.51 -10.67
C LEU A 95 -13.72 -33.32 -10.34
N LEU A 96 -13.26 -32.08 -10.46
CA LEU A 96 -11.89 -31.69 -10.18
C LEU A 96 -11.90 -30.51 -9.20
N SER A 97 -11.12 -30.62 -8.13
CA SER A 97 -10.84 -29.50 -7.23
C SER A 97 -9.75 -28.61 -7.82
N ILE A 98 -9.94 -27.28 -7.81
CA ILE A 98 -8.94 -26.38 -8.35
C ILE A 98 -7.87 -26.09 -7.30
N GLY A 99 -8.04 -26.68 -6.10
CA GLY A 99 -7.09 -26.53 -5.01
C GLY A 99 -6.75 -27.87 -4.39
N GLY A 100 -7.05 -27.99 -3.09
CA GLY A 100 -6.70 -29.17 -2.33
C GLY A 100 -7.85 -30.17 -2.22
N ALA A 101 -7.66 -31.11 -1.29
CA ALA A 101 -8.58 -32.22 -1.09
C ALA A 101 -9.89 -31.70 -0.54
N THR A 102 -11.00 -32.30 -0.95
CA THR A 102 -12.32 -31.86 -0.51
C THR A 102 -13.27 -33.03 -0.68
N PRO A 103 -14.24 -33.23 0.23
CA PRO A 103 -15.29 -34.24 0.02
C PRO A 103 -16.20 -33.92 -1.16
N LYS A 104 -16.19 -32.66 -1.63
CA LYS A 104 -17.04 -32.25 -2.73
C LYS A 104 -16.70 -33.00 -4.02
N THR A 105 -15.53 -33.64 -4.16
CA THR A 105 -15.24 -34.38 -5.39
C THR A 105 -15.82 -35.79 -5.32
N GLY A 106 -16.39 -36.17 -4.16
CA GLY A 106 -17.09 -37.44 -4.01
C GLY A 106 -16.21 -38.56 -3.43
N PRO A 107 -16.71 -39.81 -3.44
CA PRO A 107 -15.97 -40.94 -2.88
C PRO A 107 -14.56 -41.07 -3.45
N PRO A 108 -13.54 -41.27 -2.62
CA PRO A 108 -12.16 -41.29 -3.10
C PRO A 108 -11.92 -42.41 -4.09
N PRO A 109 -11.00 -42.24 -5.07
CA PRO A 109 -10.66 -43.32 -6.00
C PRO A 109 -9.75 -44.32 -5.30
N PRO A 110 -9.51 -45.51 -5.88
CA PRO A 110 -8.54 -46.46 -5.32
C PRO A 110 -7.12 -45.91 -5.35
N PRO A 111 -6.40 -45.93 -4.20
CA PRO A 111 -5.00 -45.52 -4.19
C PRO A 111 -4.23 -46.37 -5.19
N PRO A 112 -3.09 -45.90 -5.74
CA PRO A 112 -2.49 -44.61 -5.39
C PRO A 112 -3.10 -43.35 -6.01
N ALA A 113 -4.18 -43.46 -6.80
CA ALA A 113 -4.94 -42.29 -7.23
C ALA A 113 -5.55 -41.61 -6.02
N HIS A 114 -5.80 -40.30 -6.12
CA HIS A 114 -6.12 -39.47 -4.95
C HIS A 114 -7.26 -38.48 -5.20
N ALA A 115 -7.40 -37.94 -6.42
CA ALA A 115 -8.32 -36.84 -6.70
C ALA A 115 -8.10 -35.70 -5.71
N GLY A 116 -6.83 -35.40 -5.45
CA GLY A 116 -6.40 -34.45 -4.44
C GLY A 116 -6.40 -33.00 -4.92
N GLY A 117 -6.70 -32.76 -6.20
CA GLY A 117 -6.83 -31.41 -6.71
C GLY A 117 -5.52 -30.87 -7.27
N LEU A 118 -5.58 -29.66 -7.85
CA LEU A 118 -4.46 -29.05 -8.53
C LEU A 118 -3.30 -28.72 -7.59
N ASN A 119 -3.56 -28.64 -6.30
CA ASN A 119 -2.52 -28.47 -5.29
C ASN A 119 -1.50 -29.60 -5.27
N VAL A 120 -1.84 -30.81 -5.76
CA VAL A 120 -0.91 -31.94 -5.65
C VAL A 120 0.39 -31.66 -6.41
N HIS A 121 1.52 -31.79 -5.71
CA HIS A 121 2.82 -31.41 -6.24
C HIS A 121 3.44 -32.55 -7.05
N GLY A 122 4.18 -32.23 -8.11
CA GLY A 122 5.24 -33.11 -8.58
C GLY A 122 5.03 -33.76 -9.96
N THR A 123 3.78 -33.81 -10.44
CA THR A 123 3.52 -34.25 -11.81
C THR A 123 2.91 -33.12 -12.66
N PHE A 124 1.95 -32.34 -12.11
CA PHE A 124 1.45 -31.13 -12.75
C PHE A 124 2.02 -29.87 -12.05
N GLU A 125 1.41 -29.39 -10.95
CA GLU A 125 1.95 -28.29 -10.17
C GLU A 125 3.44 -28.53 -9.90
N GLY A 126 4.26 -27.47 -10.00
CA GLY A 126 5.68 -27.58 -9.74
C GLY A 126 6.32 -26.24 -9.39
N ASP A 127 7.66 -26.20 -9.52
CA ASP A 127 8.49 -25.21 -8.87
C ASP A 127 8.75 -23.97 -9.74
N ALA A 128 9.29 -22.91 -9.10
CA ALA A 128 9.75 -21.71 -9.77
C ALA A 128 8.58 -20.94 -10.40
N GLY A 129 7.45 -20.88 -9.70
CA GLY A 129 6.33 -20.05 -10.11
C GLY A 129 6.58 -18.58 -9.79
N MET A 130 5.67 -17.73 -10.26
CA MET A 130 5.81 -16.29 -10.19
C MET A 130 5.33 -15.75 -8.85
N THR A 131 4.18 -16.23 -8.37
CA THR A 131 3.58 -15.71 -7.15
C THR A 131 3.30 -16.79 -6.12
N ARG A 132 3.65 -18.05 -6.43
CA ARG A 132 3.59 -19.15 -5.46
C ARG A 132 4.98 -19.71 -5.20
N ALA A 133 5.23 -20.09 -3.94
CA ALA A 133 6.51 -20.65 -3.51
C ALA A 133 6.54 -22.13 -3.84
N ASP A 134 7.76 -22.68 -4.00
CA ASP A 134 7.96 -24.11 -4.21
C ASP A 134 7.38 -24.88 -3.03
N GLU A 135 6.85 -26.08 -3.32
CA GLU A 135 6.22 -26.94 -2.31
C GLU A 135 7.19 -27.29 -1.18
N PHE A 136 8.49 -27.38 -1.49
CA PHE A 136 9.49 -27.70 -0.49
C PHE A 136 9.41 -26.75 0.70
N PHE A 137 9.05 -25.48 0.48
CA PHE A 137 9.01 -24.49 1.55
C PHE A 137 7.72 -24.53 2.34
N GLY A 138 6.76 -25.41 1.99
CA GLY A 138 5.65 -25.71 2.87
C GLY A 138 4.28 -25.27 2.33
N ASP A 139 4.24 -24.47 1.25
CA ASP A 139 2.96 -23.98 0.76
C ASP A 139 3.04 -23.63 -0.72
N ASN A 140 2.45 -24.47 -1.58
CA ASN A 140 2.61 -24.36 -3.01
C ASN A 140 1.41 -23.68 -3.68
N HIS A 141 0.48 -23.18 -2.87
CA HIS A 141 -0.81 -22.75 -3.38
C HIS A 141 -1.14 -21.29 -3.03
N SER A 142 -0.73 -20.80 -1.84
CA SER A 142 -1.06 -19.46 -1.42
C SER A 142 -0.25 -18.44 -2.19
N PHE A 143 -0.88 -17.27 -2.42
CA PHE A 143 -0.18 -16.10 -2.89
C PHE A 143 0.95 -15.77 -1.91
N ASN A 144 2.10 -15.39 -2.45
CA ASN A 144 3.28 -15.08 -1.67
C ASN A 144 3.73 -13.66 -1.99
N GLN A 145 3.59 -12.74 -1.03
CA GLN A 145 3.88 -11.32 -1.22
C GLN A 145 5.34 -11.07 -1.62
N THR A 146 6.28 -11.77 -0.99
CA THR A 146 7.70 -11.61 -1.28
C THR A 146 7.94 -11.89 -2.77
N LEU A 147 7.31 -12.95 -3.30
CA LEU A 147 7.49 -13.29 -4.69
C LEU A 147 6.84 -12.24 -5.58
N PHE A 148 5.69 -11.71 -5.12
CA PHE A 148 5.01 -10.68 -5.91
C PHE A 148 5.87 -9.41 -5.92
N ASP A 149 6.58 -9.14 -4.81
CA ASP A 149 7.47 -7.98 -4.75
C ASP A 149 8.59 -8.10 -5.79
N LYS A 150 9.08 -9.32 -6.02
CA LYS A 150 10.05 -9.57 -7.07
C LYS A 150 9.44 -9.34 -8.46
N PHE A 151 8.20 -9.78 -8.65
CA PHE A 151 7.46 -9.52 -9.88
C PHE A 151 7.42 -8.02 -10.16
N VAL A 152 7.08 -7.24 -9.13
CA VAL A 152 7.06 -5.78 -9.25
C VAL A 152 8.47 -5.25 -9.55
N ASP A 153 9.47 -5.75 -8.82
CA ASP A 153 10.85 -5.30 -9.00
C ASP A 153 11.30 -5.52 -10.44
N PHE A 154 11.07 -6.72 -10.98
CA PHE A 154 11.49 -7.03 -12.34
C PHE A 154 10.70 -6.18 -13.35
N SER A 155 9.43 -5.92 -13.06
CA SER A 155 8.62 -5.07 -13.93
C SER A 155 9.18 -3.65 -13.95
N ASN A 156 9.65 -3.15 -12.79
CA ASN A 156 10.26 -1.83 -12.72
C ASN A 156 11.57 -1.82 -13.52
N ARG A 157 12.35 -2.90 -13.37
CA ARG A 157 13.70 -2.97 -13.90
C ARG A 157 13.70 -3.16 -15.42
N TYR A 158 12.70 -3.86 -15.98
CA TYR A 158 12.77 -4.25 -17.38
C TYR A 158 11.52 -3.85 -18.17
N GLY A 159 10.44 -3.42 -17.50
CA GLY A 159 9.21 -3.16 -18.21
C GLY A 159 8.59 -1.79 -17.91
N GLY A 160 9.40 -0.84 -17.44
CA GLY A 160 8.91 0.51 -17.24
C GLY A 160 7.87 0.59 -16.11
N GLY A 161 7.87 -0.40 -15.21
CA GLY A 161 6.87 -0.50 -14.15
C GLY A 161 5.68 -1.41 -14.52
N PHE A 162 5.71 -2.01 -15.71
CA PHE A 162 4.69 -2.93 -16.18
C PHE A 162 5.30 -4.28 -16.49
N TYR A 163 4.47 -5.32 -16.50
CA TYR A 163 4.88 -6.66 -16.88
C TYR A 163 4.66 -6.82 -18.38
N ASN A 164 5.77 -7.04 -19.10
CA ASN A 164 5.70 -7.27 -20.54
C ASN A 164 6.63 -8.43 -20.89
N LEU A 165 6.76 -8.73 -22.18
CA LEU A 165 7.47 -9.93 -22.60
C LEU A 165 8.95 -9.90 -22.20
N THR A 166 9.57 -8.71 -22.16
CA THR A 166 10.96 -8.59 -21.72
C THR A 166 11.08 -8.96 -20.24
N VAL A 167 10.15 -8.45 -19.43
CA VAL A 167 10.13 -8.79 -18.03
C VAL A 167 9.99 -10.29 -17.86
N ALA A 168 9.10 -10.90 -18.66
CA ALA A 168 8.79 -12.33 -18.52
C ALA A 168 10.06 -13.16 -18.67
N GLY A 169 10.87 -12.81 -19.69
CA GLY A 169 12.11 -13.53 -19.93
C GLY A 169 13.07 -13.48 -18.74
N GLU A 170 13.22 -12.26 -18.17
CA GLU A 170 14.15 -12.06 -17.07
C GLU A 170 13.63 -12.76 -15.81
N LEU A 171 12.34 -12.61 -15.53
CA LEU A 171 11.78 -13.13 -14.29
C LEU A 171 11.84 -14.65 -14.27
N ARG A 172 11.50 -15.27 -15.40
CA ARG A 172 11.45 -16.74 -15.48
C ARG A 172 12.81 -17.31 -15.10
N TYR A 173 13.88 -16.73 -15.68
CA TYR A 173 15.23 -17.23 -15.45
C TYR A 173 15.61 -17.02 -13.99
N SER A 174 15.37 -15.79 -13.49
CA SER A 174 15.75 -15.47 -12.14
C SER A 174 15.04 -16.41 -11.14
N ARG A 175 13.77 -16.76 -11.41
CA ARG A 175 13.02 -17.63 -10.51
C ARG A 175 13.60 -19.05 -10.53
N ILE A 176 14.01 -19.53 -11.70
CA ILE A 176 14.72 -20.80 -11.79
C ILE A 176 15.99 -20.74 -10.91
N GLN A 177 16.78 -19.66 -11.02
CA GLN A 177 18.00 -19.51 -10.24
C GLN A 177 17.72 -19.49 -8.74
N ASP A 178 16.66 -18.79 -8.30
CA ASP A 178 16.25 -18.80 -6.90
C ASP A 178 16.05 -20.23 -6.41
N SER A 179 15.30 -21.03 -7.18
CA SER A 179 14.98 -22.39 -6.76
C SER A 179 16.22 -23.27 -6.75
N ILE A 180 17.14 -23.08 -7.72
CA ILE A 180 18.40 -23.82 -7.72
C ILE A 180 19.14 -23.57 -6.40
N ALA A 181 19.21 -22.28 -6.01
CA ALA A 181 20.03 -21.86 -4.89
C ALA A 181 19.41 -22.26 -3.55
N THR A 182 18.09 -22.46 -3.46
CA THR A 182 17.46 -22.53 -2.14
C THR A 182 16.65 -23.80 -1.92
N ASN A 183 16.32 -24.54 -2.98
CA ASN A 183 15.40 -25.67 -2.88
C ASN A 183 16.14 -26.93 -3.31
N PRO A 184 16.54 -27.80 -2.36
CA PRO A 184 17.29 -29.00 -2.72
C PRO A 184 16.48 -30.07 -3.45
N GLU A 185 15.16 -29.94 -3.48
CA GLU A 185 14.28 -30.87 -4.18
C GLU A 185 13.78 -30.28 -5.50
N PHE A 186 14.35 -29.14 -5.91
CA PHE A 186 13.94 -28.46 -7.13
C PHE A 186 13.92 -29.40 -8.32
N GLN A 187 12.75 -29.49 -8.96
CA GLN A 187 12.54 -30.20 -10.21
C GLN A 187 12.02 -29.21 -11.26
N PHE A 188 12.52 -29.32 -12.48
CA PHE A 188 12.11 -28.45 -13.58
C PHE A 188 12.19 -29.24 -14.88
N LYS A 189 11.34 -30.26 -14.98
CA LYS A 189 11.36 -31.19 -16.11
C LYS A 189 9.95 -31.67 -16.42
N ASN A 190 9.81 -32.41 -17.53
CA ASN A 190 8.54 -33.01 -17.95
C ASN A 190 7.45 -31.94 -18.00
N VAL A 191 6.34 -32.15 -17.31
CA VAL A 191 5.20 -31.26 -17.43
C VAL A 191 5.60 -29.83 -17.07
N ARG A 192 6.29 -29.68 -15.93
CA ARG A 192 6.57 -28.37 -15.37
C ARG A 192 7.44 -27.54 -16.31
N PHE A 193 8.38 -28.19 -17.00
CA PHE A 193 9.27 -27.46 -17.86
C PHE A 193 8.44 -26.80 -18.95
N ILE A 194 7.42 -27.49 -19.45
CA ILE A 194 6.61 -26.96 -20.53
C ILE A 194 5.63 -25.90 -20.00
N THR A 195 4.90 -26.20 -18.92
CA THR A 195 3.84 -25.31 -18.45
C THR A 195 4.43 -24.01 -17.91
N ALA A 196 5.66 -24.04 -17.38
CA ALA A 196 6.22 -22.86 -16.74
C ALA A 196 6.44 -21.72 -17.72
N TYR A 197 6.73 -22.02 -19.00
CA TYR A 197 6.99 -20.96 -19.97
C TYR A 197 5.65 -20.36 -20.43
N GLY A 198 4.65 -21.22 -20.62
CA GLY A 198 3.30 -20.76 -20.97
C GLY A 198 2.73 -19.81 -19.91
N GLU A 199 2.88 -20.19 -18.64
CA GLU A 199 2.30 -19.41 -17.57
C GLU A 199 2.95 -18.03 -17.45
N THR A 200 4.20 -17.86 -17.92
CA THR A 200 4.85 -16.57 -17.79
C THR A 200 4.28 -15.57 -18.82
N VAL A 201 3.66 -16.05 -19.91
CA VAL A 201 3.08 -15.14 -20.89
C VAL A 201 1.58 -15.00 -20.72
N PHE A 202 0.92 -15.91 -19.98
CA PHE A 202 -0.52 -15.79 -19.82
C PHE A 202 -0.88 -14.41 -19.25
N PRO A 203 -0.15 -13.82 -18.29
CA PRO A 203 -0.50 -12.48 -17.80
C PRO A 203 -0.54 -11.42 -18.91
N ILE A 204 0.33 -11.56 -19.93
CA ILE A 204 0.40 -10.62 -21.03
C ILE A 204 -0.75 -10.87 -21.99
N ASN A 205 -0.97 -12.14 -22.35
CA ASN A 205 -1.90 -12.47 -23.39
C ASN A 205 -3.33 -12.44 -22.88
N LEU A 206 -3.54 -12.74 -21.58
CA LEU A 206 -4.88 -13.02 -21.06
C LEU A 206 -5.32 -12.07 -19.93
N PHE A 207 -4.37 -11.51 -19.16
CA PHE A 207 -4.71 -10.62 -18.05
C PHE A 207 -4.71 -9.16 -18.48
N VAL A 208 -4.06 -8.84 -19.61
CA VAL A 208 -4.17 -7.51 -20.20
C VAL A 208 -5.51 -7.41 -20.91
N ASP A 209 -6.20 -6.30 -20.65
CA ASP A 209 -7.51 -6.03 -21.22
C ASP A 209 -7.48 -6.18 -22.73
N GLY A 210 -8.54 -6.79 -23.29
CA GLY A 210 -8.62 -7.12 -24.70
C GLY A 210 -8.72 -5.89 -25.62
N ARG A 211 -9.09 -4.73 -25.07
CA ARG A 211 -9.16 -3.52 -25.88
C ARG A 211 -7.77 -2.89 -26.08
N VAL A 212 -6.75 -3.38 -25.36
CA VAL A 212 -5.38 -2.95 -25.63
C VAL A 212 -4.83 -3.78 -26.78
N THR A 213 -4.68 -3.15 -27.95
CA THR A 213 -4.26 -3.86 -29.17
C THR A 213 -2.74 -3.82 -29.32
N THR A 214 -2.10 -2.76 -28.80
CA THR A 214 -0.70 -2.52 -29.07
C THR A 214 0.08 -2.34 -27.76
N ASP A 215 1.31 -2.87 -27.70
CA ASP A 215 2.19 -2.64 -26.56
C ASP A 215 1.51 -3.22 -25.33
N ARG A 216 1.25 -4.53 -25.37
CA ARG A 216 0.47 -5.20 -24.34
C ARG A 216 1.35 -5.35 -23.10
N LYS A 217 0.85 -4.85 -21.96
CA LYS A 217 1.64 -4.81 -20.74
C LYS A 217 0.67 -4.74 -19.57
N LEU A 218 1.03 -5.40 -18.46
CA LEU A 218 0.12 -5.54 -17.34
C LEU A 218 0.56 -4.62 -16.21
N SER A 219 -0.39 -3.84 -15.66
CA SER A 219 -0.11 -2.98 -14.51
C SER A 219 0.03 -3.83 -13.25
N MET A 220 0.76 -3.32 -12.27
CA MET A 220 0.95 -4.05 -11.03
C MET A 220 -0.38 -4.11 -10.26
N GLU A 221 -1.26 -3.12 -10.47
CA GLU A 221 -2.55 -3.07 -9.81
C GLU A 221 -3.41 -4.24 -10.33
N ASP A 222 -3.43 -4.43 -11.65
CA ASP A 222 -4.19 -5.50 -12.27
C ASP A 222 -3.60 -6.87 -11.91
N ALA A 223 -2.28 -6.95 -11.87
CA ALA A 223 -1.61 -8.16 -11.48
C ALA A 223 -2.00 -8.54 -10.05
N ALA A 224 -1.98 -7.59 -9.13
CA ALA A 224 -2.29 -7.89 -7.74
C ALA A 224 -3.74 -8.34 -7.63
N SER A 225 -4.61 -7.68 -8.39
CA SER A 225 -6.03 -7.96 -8.33
C SER A 225 -6.30 -9.43 -8.66
N ILE A 226 -5.65 -9.93 -9.72
CA ILE A 226 -5.88 -11.29 -10.18
C ILE A 226 -5.09 -12.31 -9.35
N PHE A 227 -3.78 -12.09 -9.20
CA PHE A 227 -2.90 -13.04 -8.53
C PHE A 227 -3.17 -13.14 -7.03
N ARG A 228 -3.48 -12.01 -6.38
CA ARG A 228 -3.71 -12.01 -4.94
C ARG A 228 -5.22 -12.13 -4.65
N ASP A 229 -6.05 -11.27 -5.22
CA ASP A 229 -7.42 -11.13 -4.76
C ASP A 229 -8.40 -12.01 -5.55
N MET A 230 -7.95 -12.62 -6.65
CA MET A 230 -8.83 -13.44 -7.47
C MET A 230 -9.96 -12.61 -8.06
N ARG A 231 -9.65 -11.38 -8.46
CA ARG A 231 -10.64 -10.40 -8.88
CA ARG A 231 -10.64 -10.41 -8.89
C ARG A 231 -10.21 -9.82 -10.22
N PHE A 232 -11.14 -9.84 -11.19
CA PHE A 232 -10.93 -9.14 -12.45
C PHE A 232 -10.74 -7.65 -12.20
N PRO A 233 -9.86 -6.96 -12.93
CA PRO A 233 -9.90 -5.49 -12.94
C PRO A 233 -11.32 -5.00 -13.22
N ASP A 234 -11.66 -3.82 -12.70
CA ASP A 234 -12.91 -3.14 -13.05
C ASP A 234 -13.06 -3.04 -14.57
N ASP A 235 -14.25 -3.35 -15.07
CA ASP A 235 -14.59 -3.23 -16.48
C ASP A 235 -13.72 -4.12 -17.37
N PHE A 236 -13.23 -5.23 -16.84
CA PHE A 236 -12.27 -6.05 -17.56
C PHE A 236 -12.90 -6.63 -18.80
N HIS A 237 -12.25 -6.45 -19.94
CA HIS A 237 -12.66 -7.08 -21.19
C HIS A 237 -11.62 -8.13 -21.54
N ARG A 238 -12.08 -9.33 -21.90
CA ARG A 238 -11.18 -10.43 -22.27
C ARG A 238 -10.45 -10.13 -23.57
N SER A 239 -9.40 -10.89 -23.81
CA SER A 239 -8.66 -10.91 -25.07
C SER A 239 -9.64 -10.88 -26.26
N ALA A 240 -9.28 -10.13 -27.31
CA ALA A 240 -10.10 -9.96 -28.50
C ALA A 240 -9.98 -11.17 -29.43
N VAL A 241 -9.04 -12.08 -29.15
CA VAL A 241 -8.86 -13.30 -29.91
C VAL A 241 -8.58 -14.46 -28.95
N PRO A 242 -8.96 -15.71 -29.27
CA PRO A 242 -8.50 -16.86 -28.50
C PRO A 242 -6.99 -16.79 -28.39
N ALA A 243 -6.47 -17.04 -27.17
CA ALA A 243 -5.05 -16.93 -26.96
C ALA A 243 -4.60 -17.84 -25.83
N SER A 244 -3.29 -18.04 -25.76
CA SER A 244 -2.70 -18.92 -24.79
C SER A 244 -1.23 -18.52 -24.61
N ASN A 245 -0.32 -19.26 -25.25
CA ASN A 245 1.09 -19.22 -24.91
C ASN A 245 1.93 -18.42 -25.92
N GLU A 246 1.32 -17.46 -26.63
CA GLU A 246 2.06 -16.68 -27.62
C GLU A 246 3.22 -15.96 -26.93
N GLY A 247 4.44 -16.15 -27.47
CA GLY A 247 5.62 -15.45 -27.00
C GLY A 247 6.45 -16.27 -26.03
N ALA A 248 5.93 -17.41 -25.57
CA ALA A 248 6.67 -18.28 -24.66
C ALA A 248 8.04 -18.67 -25.23
N ASP A 249 8.12 -18.84 -26.54
CA ASP A 249 9.36 -19.14 -27.24
C ASP A 249 10.41 -18.05 -26.99
N GLN A 250 9.98 -16.78 -27.01
CA GLN A 250 10.91 -15.67 -26.82
C GLN A 250 11.41 -15.64 -25.38
N VAL A 251 10.58 -16.11 -24.44
CA VAL A 251 10.95 -16.16 -23.04
C VAL A 251 12.09 -17.16 -22.86
N LEU A 252 11.95 -18.33 -23.47
CA LEU A 252 12.99 -19.34 -23.43
C LEU A 252 14.25 -18.83 -24.12
N ALA A 253 14.10 -18.17 -25.27
CA ALA A 253 15.23 -17.72 -26.07
C ALA A 253 16.05 -16.67 -25.34
N ALA A 254 15.42 -15.84 -24.49
CA ALA A 254 16.12 -14.83 -23.72
C ALA A 254 17.10 -15.45 -22.72
N HIS A 255 16.80 -16.64 -22.21
CA HIS A 255 17.69 -17.33 -21.30
C HIS A 255 17.56 -18.84 -21.53
N PRO A 256 18.18 -19.37 -22.61
CA PRO A 256 18.04 -20.79 -22.94
C PRO A 256 18.28 -21.65 -21.71
N TRP A 257 17.46 -22.69 -21.56
CA TRP A 257 17.48 -23.51 -20.38
C TRP A 257 17.02 -24.92 -20.72
N VAL A 258 17.50 -25.88 -19.93
CA VAL A 258 17.34 -27.29 -20.23
C VAL A 258 16.63 -27.94 -19.06
N PRO A 259 15.65 -28.84 -19.31
CA PRO A 259 14.95 -29.50 -18.22
C PRO A 259 15.93 -30.29 -17.35
N GLY A 260 15.60 -30.40 -16.06
CA GLY A 260 16.42 -31.14 -15.11
C GLY A 260 15.99 -30.83 -13.70
N GLY A 261 16.94 -30.88 -12.76
CA GLY A 261 16.66 -30.68 -11.36
C GLY A 261 17.92 -30.68 -10.51
N ASN A 262 17.80 -30.23 -9.26
CA ASN A 262 18.85 -30.38 -8.28
C ASN A 262 18.97 -31.85 -7.92
N ALA A 263 20.17 -32.44 -8.09
CA ALA A 263 20.38 -33.85 -7.78
C ALA A 263 20.84 -34.04 -6.34
N ASP A 264 20.50 -35.21 -5.78
CA ASP A 264 21.07 -35.73 -4.55
C ASP A 264 20.77 -34.83 -3.36
N ASN A 265 19.60 -34.19 -3.40
CA ASN A 265 19.09 -33.45 -2.27
C ASN A 265 20.04 -32.32 -1.86
N GLN A 266 20.66 -31.66 -2.84
CA GLN A 266 21.58 -30.56 -2.59
C GLN A 266 21.19 -29.34 -3.42
N VAL A 267 21.41 -28.15 -2.86
CA VAL A 267 21.25 -26.92 -3.62
C VAL A 267 22.43 -26.72 -4.57
N ASN A 268 22.28 -25.76 -5.50
CA ASN A 268 23.30 -25.41 -6.48
C ASN A 268 23.91 -26.66 -7.11
N ASN A 269 23.05 -27.57 -7.57
CA ASN A 269 23.49 -28.87 -8.05
C ASN A 269 22.55 -29.32 -9.16
N TYR A 270 22.34 -28.46 -10.16
CA TYR A 270 21.35 -28.71 -11.19
C TYR A 270 21.93 -29.63 -12.28
N VAL A 271 21.27 -30.76 -12.52
CA VAL A 271 21.68 -31.72 -13.53
C VAL A 271 20.60 -31.85 -14.60
N GLU A 272 21.00 -31.77 -15.87
CA GLU A 272 20.10 -31.89 -17.00
CA GLU A 272 20.11 -31.91 -17.02
C GLU A 272 19.50 -33.31 -17.00
N ASP A 273 18.25 -33.42 -17.48
CA ASP A 273 17.61 -34.70 -17.75
C ASP A 273 17.34 -34.79 -19.25
N PRO A 274 18.12 -35.58 -20.02
CA PRO A 274 17.99 -35.61 -21.48
C PRO A 274 16.76 -36.37 -21.97
N ASP A 275 16.10 -37.13 -21.08
CA ASP A 275 14.90 -37.88 -21.41
C ASP A 275 13.63 -37.05 -21.29
N SER A 276 13.70 -35.86 -20.64
CA SER A 276 12.52 -35.05 -20.38
C SER A 276 11.95 -34.50 -21.68
N ALA A 277 10.65 -34.24 -21.71
CA ALA A 277 10.07 -33.39 -22.72
C ALA A 277 10.80 -32.04 -22.76
N ASP A 278 10.80 -31.42 -23.93
CA ASP A 278 11.21 -30.04 -24.11
C ASP A 278 10.41 -29.51 -25.31
N PHE A 279 10.72 -28.30 -25.77
CA PHE A 279 9.85 -27.62 -26.73
C PHE A 279 10.00 -28.19 -28.14
N THR A 280 11.07 -28.96 -28.42
CA THR A 280 11.11 -29.69 -29.68
C THR A 280 10.78 -31.17 -29.50
N HIS A 281 10.36 -31.58 -28.29
CA HIS A 281 10.04 -32.99 -28.01
C HIS A 281 8.78 -33.06 -27.15
N LEU A 282 7.69 -32.44 -27.62
CA LEU A 282 6.50 -32.25 -26.83
C LEU A 282 5.76 -33.58 -26.61
N CYS A 283 5.85 -34.52 -27.56
CA CYS A 283 5.13 -35.76 -27.45
C CYS A 283 5.62 -36.60 -26.27
N ARG A 284 6.87 -36.38 -25.83
CA ARG A 284 7.35 -37.05 -24.62
C ARG A 284 6.51 -36.66 -23.41
N LEU A 285 5.95 -35.43 -23.41
CA LEU A 285 5.09 -35.01 -22.31
C LEU A 285 3.84 -35.89 -22.33
N TYR A 286 3.27 -36.12 -23.51
CA TYR A 286 2.09 -36.97 -23.64
C TYR A 286 2.39 -38.37 -23.09
N GLU A 287 3.48 -38.97 -23.55
CA GLU A 287 3.83 -40.33 -23.15
C GLU A 287 4.08 -40.39 -21.65
N PHE A 288 4.80 -39.39 -21.12
CA PHE A 288 5.13 -39.36 -19.71
C PHE A 288 3.84 -39.34 -18.90
N VAL A 289 2.90 -38.47 -19.26
CA VAL A 289 1.67 -38.34 -18.49
C VAL A 289 0.84 -39.63 -18.56
N VAL A 290 0.79 -40.27 -19.73
CA VAL A 290 0.02 -41.49 -19.84
C VAL A 290 0.63 -42.55 -18.90
N GLY A 291 1.95 -42.59 -18.81
CA GLY A 291 2.66 -43.45 -17.86
C GLY A 291 2.27 -43.11 -16.42
N SER A 292 2.23 -41.80 -16.11
CA SER A 292 1.85 -41.40 -14.77
C SER A 292 0.44 -41.88 -14.46
N VAL A 293 -0.48 -41.78 -15.42
CA VAL A 293 -1.85 -42.22 -15.21
C VAL A 293 -1.89 -43.73 -14.92
N GLN A 294 -1.08 -44.52 -15.61
CA GLN A 294 -1.04 -45.96 -15.39
C GLN A 294 -0.56 -46.29 -13.97
N GLU A 295 0.41 -45.51 -13.46
CA GLU A 295 0.87 -45.65 -12.09
C GLU A 295 -0.25 -45.33 -11.09
N LEU A 296 -1.07 -44.30 -11.39
CA LEU A 296 -2.18 -43.96 -10.51
C LEU A 296 -3.28 -45.02 -10.58
N TYR A 297 -3.47 -45.63 -11.78
CA TYR A 297 -4.58 -46.53 -12.04
C TYR A 297 -4.05 -47.81 -12.68
N PRO A 298 -3.42 -48.71 -11.87
CA PRO A 298 -2.80 -49.91 -12.42
C PRO A 298 -3.75 -50.93 -13.04
N ASN A 299 -4.96 -51.06 -12.52
CA ASN A 299 -5.87 -52.11 -12.99
C ASN A 299 -7.31 -51.71 -12.80
N PRO A 300 -7.80 -50.64 -13.49
CA PRO A 300 -9.19 -50.23 -13.39
C PRO A 300 -10.16 -51.13 -14.14
N THR A 301 -11.39 -51.22 -13.65
CA THR A 301 -12.47 -51.93 -14.34
C THR A 301 -13.75 -51.09 -14.21
N GLY A 302 -14.83 -51.54 -14.85
CA GLY A 302 -16.14 -50.91 -14.72
C GLY A 302 -16.14 -49.45 -15.17
N ILE A 303 -16.87 -48.61 -14.44
CA ILE A 303 -17.08 -47.20 -14.76
C ILE A 303 -15.74 -46.45 -14.75
N LEU A 304 -14.87 -46.78 -13.79
CA LEU A 304 -13.59 -46.08 -13.67
C LEU A 304 -12.75 -46.32 -14.94
N ARG A 305 -12.71 -47.57 -15.41
CA ARG A 305 -11.98 -47.88 -16.63
C ARG A 305 -12.57 -47.10 -17.80
N ARG A 306 -13.90 -47.12 -17.92
CA ARG A 306 -14.60 -46.49 -19.03
C ARG A 306 -14.26 -44.99 -19.05
N ASN A 307 -14.37 -44.35 -17.89
CA ASN A 307 -14.16 -42.91 -17.83
C ASN A 307 -12.68 -42.58 -18.01
N LEU A 308 -11.77 -43.49 -17.65
CA LEU A 308 -10.36 -43.26 -17.91
C LEU A 308 -10.09 -43.26 -19.41
N ILE A 309 -10.67 -44.23 -20.11
CA ILE A 309 -10.52 -44.34 -21.55
C ILE A 309 -11.02 -43.07 -22.23
N LYS A 310 -12.20 -42.60 -21.83
CA LYS A 310 -12.77 -41.42 -22.45
C LYS A 310 -11.92 -40.18 -22.21
N ASN A 311 -11.49 -39.97 -20.96
CA ASN A 311 -10.74 -38.79 -20.58
C ASN A 311 -9.37 -38.80 -21.27
N LEU A 312 -8.76 -39.98 -21.40
CA LEU A 312 -7.48 -40.10 -22.09
C LEU A 312 -7.65 -39.67 -23.55
N HIS A 313 -8.73 -40.13 -24.18
CA HIS A 313 -9.03 -39.77 -25.57
C HIS A 313 -9.29 -38.27 -25.68
N TYR A 314 -10.11 -37.71 -24.77
CA TYR A 314 -10.41 -36.29 -24.82
C TYR A 314 -9.12 -35.49 -24.75
N TRP A 315 -8.21 -35.91 -23.84
CA TRP A 315 -6.96 -35.20 -23.68
C TRP A 315 -6.15 -35.28 -24.97
N TRP A 316 -6.07 -36.48 -25.55
CA TRP A 316 -5.35 -36.67 -26.80
C TRP A 316 -5.92 -35.76 -27.90
N THR A 317 -7.23 -35.50 -27.93
CA THR A 317 -7.78 -34.67 -29.01
C THR A 317 -7.13 -33.30 -28.98
N GLY A 318 -6.88 -32.77 -27.78
CA GLY A 318 -6.23 -31.48 -27.66
C GLY A 318 -4.72 -31.58 -27.89
N VAL A 319 -4.08 -32.58 -27.28
CA VAL A 319 -2.65 -32.76 -27.38
C VAL A 319 -2.27 -32.93 -28.86
N ASN A 320 -3.06 -33.69 -29.62
CA ASN A 320 -2.71 -34.05 -30.99
C ASN A 320 -2.49 -32.78 -31.81
N VAL A 321 -3.37 -31.79 -31.60
CA VAL A 321 -3.28 -30.53 -32.31
C VAL A 321 -2.21 -29.67 -31.66
N ALA A 322 -2.26 -29.48 -30.34
CA ALA A 322 -1.40 -28.51 -29.70
C ALA A 322 0.07 -28.90 -29.84
N PHE A 323 0.38 -30.19 -29.88
CA PHE A 323 1.76 -30.64 -29.91
C PHE A 323 2.18 -30.99 -31.34
N GLY A 324 1.30 -30.81 -32.33
CA GLY A 324 1.64 -31.02 -33.73
C GLY A 324 1.70 -32.50 -34.12
N GLY A 325 0.88 -33.35 -33.49
CA GLY A 325 0.69 -34.74 -33.87
C GLY A 325 1.44 -35.71 -32.96
N CYS A 326 0.72 -36.54 -32.19
CA CYS A 326 1.28 -37.58 -31.33
C CYS A 326 0.44 -38.86 -31.51
N ASP A 327 1.09 -40.02 -31.56
CA ASP A 327 0.36 -41.28 -31.69
C ASP A 327 -0.40 -41.53 -30.39
N GLU A 328 -1.70 -41.75 -30.51
CA GLU A 328 -2.54 -42.01 -29.36
C GLU A 328 -2.13 -43.33 -28.70
N LEU A 329 -2.12 -43.34 -27.37
CA LEU A 329 -1.87 -44.55 -26.61
C LEU A 329 -3.19 -45.07 -26.05
N PHE A 330 -3.29 -46.39 -25.90
CA PHE A 330 -4.49 -47.04 -25.42
C PHE A 330 -4.13 -47.99 -24.30
N PRO A 331 -3.67 -47.47 -23.13
CA PRO A 331 -3.25 -48.33 -22.04
C PRO A 331 -4.35 -49.23 -21.48
N TYR A 332 -5.62 -48.89 -21.72
CA TYR A 332 -6.72 -49.69 -21.22
C TYR A 332 -7.57 -50.24 -22.37
N GLY A 333 -7.01 -50.25 -23.59
CA GLY A 333 -7.77 -50.67 -24.76
C GLY A 333 -8.82 -49.64 -25.15
N GLN A 334 -9.96 -50.13 -25.68
CA GLN A 334 -11.04 -49.31 -26.20
CA GLN A 334 -11.03 -49.30 -26.18
C GLN A 334 -12.34 -49.64 -25.47
N LEU A 335 -13.34 -48.78 -25.63
CA LEU A 335 -14.65 -48.98 -25.02
C LEU A 335 -15.30 -50.29 -25.54
N GLN B 1 -3.79 2.21 30.32
CA GLN B 1 -5.26 1.97 30.35
C GLN B 1 -5.99 3.21 29.84
N GLY B 2 -5.84 4.34 30.58
CA GLY B 2 -6.56 5.58 30.29
C GLY B 2 -5.67 6.60 29.57
N VAL B 3 -6.26 7.30 28.60
CA VAL B 3 -5.54 8.12 27.65
C VAL B 3 -5.96 9.57 27.82
N ASP B 4 -5.07 10.46 27.40
CA ASP B 4 -5.37 11.89 27.32
C ASP B 4 -5.68 12.23 25.86
N PRO B 5 -6.96 12.46 25.47
CA PRO B 5 -7.32 12.52 24.05
C PRO B 5 -6.92 13.84 23.42
N PRO B 6 -6.19 13.82 22.27
CA PRO B 6 -5.72 15.05 21.63
C PRO B 6 -6.89 15.71 20.93
N PRO B 7 -6.80 17.03 20.62
CA PRO B 7 -7.85 17.70 19.86
C PRO B 7 -7.92 17.12 18.45
N PRO B 8 -9.03 17.28 17.73
CA PRO B 8 -9.12 16.73 16.38
C PRO B 8 -8.13 17.36 15.42
N PRO B 9 -7.68 16.60 14.41
CA PRO B 9 -6.89 17.17 13.33
C PRO B 9 -7.70 18.26 12.66
N GLY B 10 -6.98 19.23 12.08
CA GLY B 10 -7.56 20.20 11.17
C GLY B 10 -7.66 19.62 9.77
N PRO B 11 -8.06 20.42 8.76
CA PRO B 11 -8.14 19.95 7.38
C PRO B 11 -6.78 19.42 6.92
N PRO B 12 -6.71 18.55 5.89
CA PRO B 12 -5.41 18.07 5.43
C PRO B 12 -4.64 19.21 4.77
N SER B 13 -3.31 19.13 4.84
CA SER B 13 -2.41 20.12 4.24
CA SER B 13 -2.42 20.11 4.24
C SER B 13 -2.70 20.24 2.75
N PHE B 14 -2.90 19.10 2.07
CA PHE B 14 -3.21 19.06 0.64
C PHE B 14 -4.68 18.64 0.48
N THR B 15 -5.48 19.46 -0.22
CA THR B 15 -6.92 19.22 -0.31
C THR B 15 -7.36 18.95 -1.75
N GLY B 16 -6.39 18.74 -2.67
CA GLY B 16 -6.72 18.46 -4.06
C GLY B 16 -7.04 16.96 -4.27
N THR B 17 -7.36 16.57 -5.52
CA THR B 17 -7.57 15.16 -5.84
C THR B 17 -6.23 14.44 -5.77
N LYS B 18 -6.30 13.15 -5.50
CA LYS B 18 -5.16 12.26 -5.60
C LYS B 18 -5.66 10.82 -5.63
N LEU B 19 -4.77 9.93 -6.06
CA LEU B 19 -5.03 8.51 -6.05
C LEU B 19 -5.03 8.03 -4.59
N VAL B 20 -6.16 7.44 -4.16
CA VAL B 20 -6.25 6.96 -2.80
C VAL B 20 -6.23 5.44 -2.79
N ASN B 21 -6.66 4.81 -3.89
CA ASN B 21 -6.55 3.37 -4.00
C ASN B 21 -5.15 3.05 -4.53
N ASP B 22 -4.15 3.12 -3.65
CA ASP B 22 -2.75 3.16 -4.08
C ASP B 22 -2.03 2.00 -3.45
N ALA B 23 -0.74 1.90 -3.78
CA ALA B 23 0.06 0.74 -3.44
C ALA B 23 0.14 0.59 -1.92
N ASP B 24 0.18 1.71 -1.23
CA ASP B 24 0.32 1.68 0.21
C ASP B 24 -0.98 1.30 0.92
N HIS B 25 -2.12 1.36 0.22
CA HIS B 25 -3.43 1.16 0.84
C HIS B 25 -4.20 0.10 0.06
N PRO B 26 -3.69 -1.15 0.03
CA PRO B 26 -4.36 -2.23 -0.70
C PRO B 26 -5.59 -2.73 0.02
N TRP B 27 -6.65 -3.05 -0.74
CA TRP B 27 -7.75 -3.81 -0.19
C TRP B 27 -7.25 -5.15 0.32
N GLN B 28 -7.71 -5.58 1.49
CA GLN B 28 -7.42 -6.89 2.01
C GLN B 28 -8.65 -7.48 2.64
N PRO B 29 -8.80 -8.82 2.59
CA PRO B 29 -9.94 -9.49 3.22
C PRO B 29 -9.93 -9.39 4.74
N LEU B 30 -11.10 -9.60 5.35
CA LEU B 30 -11.22 -9.58 6.80
C LEU B 30 -10.43 -10.73 7.40
N ARG B 31 -9.75 -10.48 8.52
CA ARG B 31 -9.22 -11.53 9.39
C ARG B 31 -10.14 -11.72 10.59
N GLU B 32 -9.88 -12.81 11.34
CA GLU B 32 -10.52 -13.09 12.61
C GLU B 32 -10.50 -11.85 13.52
N GLY B 33 -11.67 -11.47 14.02
CA GLY B 33 -11.77 -10.36 14.96
C GLY B 33 -11.93 -8.97 14.33
N ASP B 34 -11.77 -8.84 13.01
CA ASP B 34 -11.89 -7.55 12.34
C ASP B 34 -13.36 -7.09 12.41
N ILE B 35 -13.60 -5.80 12.67
CA ILE B 35 -14.94 -5.29 12.84
C ILE B 35 -15.34 -4.43 11.64
N ARG B 36 -16.55 -4.63 11.13
CA ARG B 36 -17.11 -3.76 10.11
C ARG B 36 -18.54 -3.44 10.55
N GLY B 37 -19.15 -2.39 10.00
CA GLY B 37 -20.43 -1.93 10.51
C GLY B 37 -21.30 -1.28 9.42
N PRO B 38 -22.16 -0.34 9.83
CA PRO B 38 -23.18 0.19 8.92
C PRO B 38 -22.74 1.29 7.99
N CYS B 39 -21.51 1.79 8.17
CA CYS B 39 -20.98 2.88 7.37
C CYS B 39 -20.04 2.34 6.27
N PRO B 40 -20.44 2.48 4.99
CA PRO B 40 -19.59 2.03 3.90
C PRO B 40 -18.30 2.85 3.78
N GLY B 41 -18.35 4.11 4.23
CA GLY B 41 -17.18 4.96 4.20
C GLY B 41 -16.08 4.41 5.11
N LEU B 42 -16.41 4.29 6.39
CA LEU B 42 -15.45 3.76 7.36
C LEU B 42 -15.06 2.32 7.01
N ASN B 43 -16.02 1.50 6.59
CA ASN B 43 -15.71 0.12 6.22
C ASN B 43 -14.63 0.06 5.13
N THR B 44 -14.78 0.88 4.10
CA THR B 44 -13.83 0.89 2.98
C THR B 44 -12.48 1.40 3.47
N LEU B 45 -12.48 2.45 4.32
CA LEU B 45 -11.23 2.98 4.84
C LEU B 45 -10.50 1.91 5.65
N ALA B 46 -11.22 1.11 6.41
CA ALA B 46 -10.61 0.07 7.20
C ALA B 46 -10.05 -1.02 6.29
N SER B 47 -10.80 -1.40 5.26
CA SER B 47 -10.41 -2.52 4.40
C SER B 47 -9.28 -2.13 3.45
N HIS B 48 -8.94 -0.83 3.35
CA HIS B 48 -7.77 -0.36 2.63
C HIS B 48 -6.64 0.11 3.56
N GLY B 49 -6.81 -0.02 4.88
CA GLY B 49 -5.76 0.33 5.82
C GLY B 49 -5.59 1.84 6.05
N TYR B 50 -6.54 2.67 5.63
CA TYR B 50 -6.55 4.07 6.01
C TYR B 50 -6.88 4.18 7.51
N LEU B 51 -7.76 3.29 7.99
CA LEU B 51 -7.98 3.04 9.40
C LEU B 51 -7.30 1.74 9.75
N PRO B 52 -7.10 1.44 11.05
CA PRO B 52 -6.72 0.09 11.48
C PRO B 52 -7.65 -0.93 10.86
N ARG B 53 -7.07 -2.03 10.36
CA ARG B 53 -7.80 -3.00 9.57
C ARG B 53 -8.79 -3.75 10.45
N ASP B 54 -8.62 -3.68 11.77
CA ASP B 54 -9.53 -4.35 12.68
C ASP B 54 -10.78 -3.52 12.96
N GLY B 55 -10.89 -2.30 12.42
CA GLY B 55 -12.13 -1.54 12.52
C GLY B 55 -12.32 -0.86 13.88
N VAL B 56 -11.25 -0.73 14.65
CA VAL B 56 -11.27 -0.02 15.93
C VAL B 56 -10.22 1.08 15.85
N ALA B 57 -10.64 2.33 16.14
CA ALA B 57 -9.75 3.46 15.94
C ALA B 57 -10.05 4.58 16.94
N THR B 58 -9.11 5.53 17.02
CA THR B 58 -9.28 6.75 17.78
C THR B 58 -10.10 7.71 16.92
N PRO B 59 -10.79 8.69 17.54
CA PRO B 59 -11.40 9.77 16.79
C PRO B 59 -10.45 10.44 15.81
N ALA B 60 -9.23 10.74 16.29
CA ALA B 60 -8.23 11.41 15.47
C ALA B 60 -7.93 10.55 14.24
N GLN B 61 -7.74 9.24 14.42
CA GLN B 61 -7.51 8.35 13.29
C GLN B 61 -8.66 8.40 12.28
N ILE B 62 -9.92 8.45 12.78
CA ILE B 62 -11.08 8.42 11.93
C ILE B 62 -11.14 9.70 11.10
N ILE B 63 -10.94 10.83 11.77
CA ILE B 63 -10.97 12.10 11.07
C ILE B 63 -9.92 12.12 9.95
N THR B 64 -8.68 11.77 10.26
CA THR B 64 -7.62 11.86 9.27
CA THR B 64 -7.62 11.86 9.26
C THR B 64 -7.89 10.88 8.12
N ALA B 65 -8.44 9.69 8.44
CA ALA B 65 -8.73 8.68 7.42
C ALA B 65 -9.82 9.15 6.47
N THR B 66 -10.87 9.79 6.99
CA THR B 66 -11.95 10.25 6.13
C THR B 66 -11.47 11.37 5.23
N GLN B 67 -10.57 12.22 5.74
CA GLN B 67 -9.96 13.29 4.96
C GLN B 67 -9.03 12.72 3.89
N GLU B 68 -8.11 11.86 4.30
CA GLU B 68 -7.10 11.30 3.40
C GLU B 68 -7.77 10.50 2.28
N GLY B 69 -8.71 9.62 2.64
CA GLY B 69 -9.31 8.66 1.72
C GLY B 69 -10.40 9.25 0.82
N PHE B 70 -11.20 10.21 1.34
CA PHE B 70 -12.36 10.68 0.63
C PHE B 70 -12.45 12.20 0.52
N ASN B 71 -11.54 12.92 1.19
CA ASN B 71 -11.60 14.37 1.29
C ASN B 71 -12.90 14.80 1.98
N PHE B 72 -13.31 14.03 2.98
CA PHE B 72 -14.44 14.42 3.81
C PHE B 72 -14.06 15.74 4.51
N GLU B 73 -14.95 16.73 4.42
CA GLU B 73 -14.68 18.05 4.96
C GLU B 73 -14.47 17.96 6.48
N ASN B 74 -13.53 18.75 6.98
CA ASN B 74 -13.01 18.63 8.34
C ASN B 74 -14.13 18.73 9.38
N ASN B 75 -14.99 19.75 9.28
CA ASN B 75 -16.05 19.92 10.28
C ASN B 75 -17.09 18.81 10.17
N ALA B 76 -17.43 18.37 8.94
CA ALA B 76 -18.34 17.23 8.79
C ALA B 76 -17.75 16.00 9.47
N ALA B 77 -16.43 15.81 9.34
CA ALA B 77 -15.75 14.68 9.95
C ALA B 77 -15.81 14.77 11.47
N ILE B 78 -15.59 15.98 11.99
CA ILE B 78 -15.61 16.19 13.43
C ILE B 78 -17.02 15.93 13.95
N VAL B 79 -18.04 16.44 13.27
CA VAL B 79 -19.42 16.27 13.69
C VAL B 79 -19.78 14.78 13.75
N ALA B 80 -19.45 14.04 12.70
CA ALA B 80 -19.80 12.63 12.64
C ALA B 80 -19.00 11.84 13.67
N THR B 81 -17.71 12.12 13.79
CA THR B 81 -16.82 11.24 14.54
C THR B 81 -17.10 11.35 16.04
N TYR B 82 -17.19 12.58 16.56
CA TYR B 82 -17.34 12.73 18.00
C TYR B 82 -18.78 12.40 18.41
N LEU B 83 -19.75 12.55 17.50
CA LEU B 83 -21.10 12.07 17.76
C LEU B 83 -21.04 10.57 18.02
N GLY B 84 -20.40 9.86 17.08
CA GLY B 84 -20.29 8.42 17.21
C GLY B 84 -19.52 8.03 18.45
N HIS B 85 -18.45 8.77 18.76
CA HIS B 85 -17.57 8.42 19.87
C HIS B 85 -18.25 8.70 21.22
N LEU B 86 -18.91 9.86 21.36
CA LEU B 86 -19.56 10.21 22.63
C LEU B 86 -20.59 9.14 23.00
N LEU B 87 -21.41 8.74 22.02
CA LEU B 87 -22.53 7.84 22.24
C LEU B 87 -22.09 6.38 22.27
N ASN B 88 -21.09 5.99 21.45
CA ASN B 88 -20.84 4.58 21.17
C ASN B 88 -19.40 4.15 21.41
N GLY B 89 -18.53 5.09 21.82
CA GLY B 89 -17.12 4.78 22.01
C GLY B 89 -16.72 4.71 23.48
N ASN B 90 -15.47 4.31 23.69
CA ASN B 90 -14.89 4.25 25.02
C ASN B 90 -14.05 5.51 25.24
N LEU B 91 -14.54 6.39 26.12
CA LEU B 91 -13.95 7.71 26.28
C LEU B 91 -12.66 7.64 27.09
N VAL B 92 -12.48 6.59 27.89
CA VAL B 92 -11.27 6.42 28.69
C VAL B 92 -10.12 5.92 27.83
N THR B 93 -10.35 4.92 26.95
CA THR B 93 -9.28 4.41 26.09
C THR B 93 -9.16 5.21 24.80
N ASP B 94 -10.18 6.03 24.50
CA ASP B 94 -10.23 6.84 23.28
C ASP B 94 -10.35 5.94 22.03
N LEU B 95 -11.13 4.87 22.12
CA LEU B 95 -11.29 3.93 21.02
C LEU B 95 -12.77 3.74 20.70
N LEU B 96 -13.09 3.70 19.40
CA LEU B 96 -14.43 3.47 18.89
C LEU B 96 -14.41 2.31 17.90
N SER B 97 -15.35 1.39 18.06
CA SER B 97 -15.63 0.34 17.10
C SER B 97 -16.52 0.88 15.98
N ILE B 98 -16.19 0.59 14.71
CA ILE B 98 -17.00 1.07 13.60
C ILE B 98 -18.17 0.11 13.37
N GLY B 99 -18.24 -0.96 14.17
CA GLY B 99 -19.35 -1.91 14.10
C GLY B 99 -19.92 -2.20 15.49
N GLY B 100 -19.85 -3.47 15.90
CA GLY B 100 -20.43 -3.92 17.15
C GLY B 100 -19.40 -4.01 18.28
N ALA B 101 -19.83 -4.66 19.37
CA ALA B 101 -19.06 -4.69 20.60
C ALA B 101 -17.81 -5.55 20.42
N THR B 102 -16.71 -5.17 21.06
CA THR B 102 -15.46 -5.87 20.89
C THR B 102 -14.59 -5.59 22.11
N PRO B 103 -13.80 -6.56 22.59
CA PRO B 103 -12.80 -6.31 23.62
C PRO B 103 -11.73 -5.31 23.21
N LYS B 104 -11.54 -5.11 21.90
CA LYS B 104 -10.49 -4.23 21.41
C LYS B 104 -10.69 -2.78 21.86
N THR B 105 -11.90 -2.37 22.29
CA THR B 105 -12.09 -0.99 22.72
C THR B 105 -11.69 -0.82 24.18
N GLY B 106 -11.36 -1.93 24.85
CA GLY B 106 -10.82 -1.88 26.20
C GLY B 106 -11.89 -2.15 27.27
N PRO B 107 -11.54 -2.03 28.57
CA PRO B 107 -12.49 -2.30 29.65
C PRO B 107 -13.80 -1.54 29.50
N PRO B 108 -14.96 -2.19 29.64
CA PRO B 108 -16.24 -1.52 29.38
C PRO B 108 -16.49 -0.37 30.33
N PRO B 109 -17.25 0.67 29.93
CA PRO B 109 -17.59 1.78 30.82
C PRO B 109 -18.69 1.34 31.79
N PRO B 110 -18.93 2.11 32.89
CA PRO B 110 -20.06 1.84 33.76
C PRO B 110 -21.41 1.98 33.05
N PRO B 111 -22.31 0.99 33.18
CA PRO B 111 -23.65 1.12 32.63
C PRO B 111 -24.30 2.38 33.19
N PRO B 112 -25.29 3.00 32.51
CA PRO B 112 -25.82 2.50 31.24
C PRO B 112 -25.03 2.79 29.96
N ALA B 113 -23.85 3.41 30.08
CA ALA B 113 -22.96 3.53 28.93
C ALA B 113 -22.50 2.14 28.50
N HIS B 114 -22.09 2.00 27.23
CA HIS B 114 -21.84 0.70 26.64
C HIS B 114 -20.56 0.63 25.79
N ALA B 115 -20.20 1.71 25.08
CA ALA B 115 -19.12 1.67 24.10
C ALA B 115 -19.34 0.50 23.13
N GLY B 116 -20.60 0.37 22.68
CA GLY B 116 -21.06 -0.77 21.89
C GLY B 116 -20.78 -0.62 20.39
N GLY B 117 -20.26 0.53 19.95
CA GLY B 117 -19.89 0.75 18.56
C GLY B 117 -21.03 1.34 17.74
N LEU B 118 -20.73 1.65 16.47
CA LEU B 118 -21.66 2.33 15.59
C LEU B 118 -22.93 1.51 15.29
N ASN B 119 -22.86 0.19 15.51
CA ASN B 119 -24.01 -0.68 15.34
C ASN B 119 -25.15 -0.35 16.31
N VAL B 120 -24.87 0.31 17.44
CA VAL B 120 -25.93 0.56 18.43
C VAL B 120 -27.04 1.41 17.82
N HIS B 121 -28.28 0.91 17.90
CA HIS B 121 -29.42 1.52 17.23
C HIS B 121 -30.03 2.61 18.10
N GLY B 122 -30.57 3.67 17.49
CA GLY B 122 -31.65 4.43 18.13
C GLY B 122 -31.29 5.85 18.57
N THR B 123 -30.00 6.19 18.70
CA THR B 123 -29.62 7.59 18.92
C THR B 123 -28.77 8.11 17.76
N PHE B 124 -27.79 7.31 17.26
CA PHE B 124 -27.09 7.63 16.01
C PHE B 124 -27.59 6.77 14.84
N GLU B 125 -27.12 5.52 14.70
CA GLU B 125 -27.63 4.62 13.65
C GLU B 125 -29.16 4.61 13.68
N GLY B 126 -29.80 4.63 12.50
CA GLY B 126 -31.25 4.57 12.43
C GLY B 126 -31.79 4.03 11.10
N ASP B 127 -33.07 4.32 10.85
CA ASP B 127 -33.88 3.60 9.89
C ASP B 127 -33.89 4.25 8.51
N ALA B 128 -34.45 3.52 7.54
CA ALA B 128 -34.63 3.98 6.17
C ALA B 128 -33.30 4.27 5.48
N GLY B 129 -32.28 3.42 5.72
CA GLY B 129 -31.03 3.52 4.99
C GLY B 129 -31.15 2.97 3.57
N MET B 130 -30.09 3.16 2.76
CA MET B 130 -30.07 2.81 1.36
C MET B 130 -29.74 1.33 1.15
N THR B 131 -28.73 0.82 1.88
CA THR B 131 -28.26 -0.54 1.64
C THR B 131 -28.25 -1.37 2.92
N ARG B 132 -28.70 -0.80 4.05
CA ARG B 132 -28.88 -1.52 5.29
C ARG B 132 -30.35 -1.48 5.72
N ALA B 133 -30.83 -2.60 6.28
CA ALA B 133 -32.22 -2.76 6.69
C ALA B 133 -32.39 -2.16 8.09
N ASP B 134 -33.61 -1.75 8.41
CA ASP B 134 -33.94 -1.22 9.74
C ASP B 134 -33.63 -2.28 10.79
N GLU B 135 -33.19 -1.82 11.98
CA GLU B 135 -32.82 -2.70 13.08
C GLU B 135 -33.97 -3.63 13.50
N PHE B 136 -35.21 -3.15 13.35
CA PHE B 136 -36.39 -3.93 13.69
C PHE B 136 -36.38 -5.30 13.00
N PHE B 137 -35.84 -5.38 11.77
CA PHE B 137 -35.86 -6.62 11.01
C PHE B 137 -34.70 -7.55 11.39
N GLY B 138 -33.81 -7.14 12.30
CA GLY B 138 -32.88 -8.08 12.90
C GLY B 138 -31.41 -7.81 12.59
N ASP B 139 -31.10 -6.93 11.62
CA ASP B 139 -29.72 -6.72 11.23
C ASP B 139 -29.55 -5.34 10.59
N ASN B 140 -28.95 -4.41 11.34
CA ASN B 140 -28.88 -3.01 10.95
C ASN B 140 -27.52 -2.67 10.33
N HIS B 141 -26.66 -3.68 10.14
CA HIS B 141 -25.28 -3.41 9.79
C HIS B 141 -24.85 -4.08 8.47
N SER B 142 -25.38 -5.26 8.15
CA SER B 142 -24.98 -5.99 6.94
C SER B 142 -25.52 -5.32 5.69
N PHE B 143 -24.75 -5.42 4.61
CA PHE B 143 -25.22 -5.08 3.28
C PHE B 143 -26.44 -5.95 2.99
N ASN B 144 -27.46 -5.35 2.35
CA ASN B 144 -28.69 -6.02 2.02
C ASN B 144 -28.93 -5.86 0.51
N GLN B 145 -28.84 -6.99 -0.20
CA GLN B 145 -28.92 -7.04 -1.66
C GLN B 145 -30.28 -6.56 -2.16
N THR B 146 -31.38 -6.94 -1.47
CA THR B 146 -32.73 -6.51 -1.87
C THR B 146 -32.80 -4.97 -1.89
N LEU B 147 -32.22 -4.34 -0.88
CA LEU B 147 -32.23 -2.88 -0.81
C LEU B 147 -31.34 -2.30 -1.91
N PHE B 148 -30.23 -2.97 -2.20
CA PHE B 148 -29.33 -2.52 -3.25
C PHE B 148 -30.04 -2.64 -4.59
N ASP B 149 -30.89 -3.68 -4.75
CA ASP B 149 -31.64 -3.87 -5.99
C ASP B 149 -32.59 -2.69 -6.22
N LYS B 150 -33.17 -2.16 -5.13
CA LYS B 150 -34.01 -0.98 -5.21
C LYS B 150 -33.19 0.25 -5.61
N PHE B 151 -31.99 0.38 -5.03
CA PHE B 151 -31.07 1.45 -5.41
C PHE B 151 -30.80 1.41 -6.92
N VAL B 152 -30.54 0.20 -7.44
CA VAL B 152 -30.32 0.03 -8.88
C VAL B 152 -31.59 0.38 -9.64
N ASP B 153 -32.74 -0.11 -9.16
CA ASP B 153 -34.01 0.14 -9.84
C ASP B 153 -34.27 1.65 -9.95
N PHE B 154 -34.11 2.38 -8.85
CA PHE B 154 -34.35 3.82 -8.85
C PHE B 154 -33.36 4.54 -9.74
N SER B 155 -32.11 4.06 -9.77
CA SER B 155 -31.10 4.63 -10.65
C SER B 155 -31.51 4.44 -12.12
N ASN B 156 -32.07 3.27 -12.45
CA ASN B 156 -32.56 3.01 -13.80
C ASN B 156 -33.72 3.93 -14.15
N ARG B 157 -34.64 4.10 -13.18
CA ARG B 157 -35.88 4.83 -13.38
C ARG B 157 -35.68 6.33 -13.47
N TYR B 158 -34.68 6.88 -12.77
CA TYR B 158 -34.57 8.34 -12.64
C TYR B 158 -33.18 8.87 -12.99
N GLY B 159 -32.16 8.00 -13.11
CA GLY B 159 -30.81 8.48 -13.34
C GLY B 159 -30.10 7.85 -14.53
N GLY B 160 -30.87 7.31 -15.48
CA GLY B 160 -30.30 6.76 -16.70
C GLY B 160 -29.39 5.57 -16.43
N GLY B 161 -29.63 4.89 -15.29
CA GLY B 161 -28.82 3.75 -14.86
C GLY B 161 -27.68 4.13 -13.89
N PHE B 162 -27.63 5.42 -13.52
CA PHE B 162 -26.64 5.93 -12.58
C PHE B 162 -27.34 6.57 -11.40
N TYR B 163 -26.61 6.66 -10.27
CA TYR B 163 -27.10 7.32 -9.08
C TYR B 163 -26.68 8.78 -9.15
N ASN B 164 -27.68 9.67 -9.20
CA ASN B 164 -27.43 11.09 -9.24
C ASN B 164 -28.42 11.78 -8.30
N LEU B 165 -28.39 13.13 -8.27
CA LEU B 165 -29.16 13.85 -7.27
C LEU B 165 -30.67 13.65 -7.43
N THR B 166 -31.15 13.46 -8.68
CA THR B 166 -32.56 13.18 -8.91
C THR B 166 -32.94 11.84 -8.29
N VAL B 167 -32.11 10.83 -8.52
CA VAL B 167 -32.32 9.51 -7.95
C VAL B 167 -32.39 9.63 -6.43
N ALA B 168 -31.47 10.41 -5.86
CA ALA B 168 -31.33 10.50 -4.40
C ALA B 168 -32.64 10.98 -3.78
N GLY B 169 -33.26 12.00 -4.40
CA GLY B 169 -34.51 12.54 -3.92
C GLY B 169 -35.63 11.50 -3.91
N GLU B 170 -35.72 10.71 -4.99
CA GLU B 170 -36.78 9.72 -5.11
C GLU B 170 -36.53 8.56 -4.15
N LEU B 171 -35.28 8.10 -4.07
CA LEU B 171 -34.97 6.94 -3.27
C LEU B 171 -35.20 7.22 -1.78
N ARG B 172 -34.78 8.40 -1.34
CA ARG B 172 -34.88 8.75 0.07
C ARG B 172 -36.35 8.67 0.51
N TYR B 173 -37.24 9.25 -0.29
CA TYR B 173 -38.65 9.29 0.05
C TYR B 173 -39.23 7.88 0.04
N SER B 174 -38.91 7.12 -1.03
CA SER B 174 -39.46 5.78 -1.16
C SER B 174 -39.01 4.90 0.02
N ARG B 175 -37.76 5.08 0.48
CA ARG B 175 -37.26 4.30 1.60
C ARG B 175 -37.99 4.65 2.89
N ILE B 176 -38.29 5.95 3.09
CA ILE B 176 -39.10 6.37 4.21
C ILE B 176 -40.46 5.66 4.16
N GLN B 177 -41.11 5.66 2.99
CA GLN B 177 -42.41 5.02 2.83
C GLN B 177 -42.35 3.53 3.13
N ASP B 178 -41.30 2.83 2.66
CA ASP B 178 -41.11 1.42 2.98
C ASP B 178 -41.13 1.19 4.49
N SER B 179 -40.36 2.01 5.23
CA SER B 179 -40.26 1.83 6.66
C SER B 179 -41.58 2.15 7.37
N ILE B 180 -42.32 3.16 6.88
CA ILE B 180 -43.64 3.47 7.44
C ILE B 180 -44.53 2.24 7.31
N ALA B 181 -44.51 1.60 6.13
CA ALA B 181 -45.45 0.55 5.79
C ALA B 181 -45.09 -0.77 6.49
N THR B 182 -43.82 -0.98 6.89
CA THR B 182 -43.41 -2.33 7.28
C THR B 182 -42.78 -2.39 8.67
N ASN B 183 -42.38 -1.25 9.23
CA ASN B 183 -41.62 -1.23 10.47
C ASN B 183 -42.43 -0.49 11.52
N PRO B 184 -43.05 -1.19 12.48
CA PRO B 184 -43.87 -0.53 13.50
C PRO B 184 -43.10 0.30 14.52
N GLU B 185 -41.76 0.13 14.56
CA GLU B 185 -40.90 0.89 15.46
C GLU B 185 -40.15 1.99 14.72
N PHE B 186 -40.52 2.25 13.47
CA PHE B 186 -39.86 3.24 12.64
C PHE B 186 -39.75 4.59 13.35
N GLN B 187 -38.52 5.07 13.50
CA GLN B 187 -38.22 6.42 14.00
C GLN B 187 -37.44 7.17 12.91
N PHE B 188 -37.79 8.44 12.70
CA PHE B 188 -37.10 9.29 11.75
C PHE B 188 -37.08 10.73 12.26
N LYS B 189 -36.38 10.92 13.36
CA LYS B 189 -36.34 12.20 14.05
C LYS B 189 -34.95 12.42 14.67
N ASN B 190 -34.73 13.62 15.21
CA ASN B 190 -33.49 13.97 15.89
C ASN B 190 -32.29 13.65 14.99
N VAL B 191 -31.32 12.87 15.48
CA VAL B 191 -30.09 12.69 14.75
C VAL B 191 -30.38 12.11 13.36
N ARG B 192 -31.20 11.06 13.34
CA ARG B 192 -31.42 10.31 12.11
C ARG B 192 -32.06 11.17 11.01
N PHE B 193 -32.93 12.09 11.38
CA PHE B 193 -33.60 12.89 10.38
C PHE B 193 -32.54 13.71 9.66
N ILE B 194 -31.55 14.20 10.39
CA ILE B 194 -30.52 15.03 9.79
C ILE B 194 -29.52 14.16 9.00
N THR B 195 -29.01 13.08 9.59
CA THR B 195 -27.94 12.31 8.96
C THR B 195 -28.45 11.59 7.70
N ALA B 196 -29.74 11.25 7.66
CA ALA B 196 -30.26 10.48 6.55
C ALA B 196 -30.18 11.25 5.23
N TYR B 197 -30.33 12.57 5.25
CA TYR B 197 -30.30 13.34 4.02
C TYR B 197 -28.85 13.49 3.55
N GLY B 198 -27.93 13.73 4.48
CA GLY B 198 -26.51 13.81 4.15
C GLY B 198 -26.00 12.53 3.49
N GLU B 199 -26.35 11.39 4.08
CA GLU B 199 -25.89 10.11 3.59
C GLU B 199 -26.39 9.82 2.17
N THR B 200 -27.52 10.40 1.75
CA THR B 200 -28.03 10.11 0.41
C THR B 200 -27.22 10.85 -0.64
N VAL B 201 -26.50 11.93 -0.28
CA VAL B 201 -25.68 12.63 -1.26
C VAL B 201 -24.21 12.26 -1.16
N PHE B 202 -23.78 11.63 -0.06
CA PHE B 202 -22.37 11.26 0.05
C PHE B 202 -21.94 10.41 -1.15
N PRO B 203 -22.74 9.46 -1.66
CA PRO B 203 -22.32 8.67 -2.82
C PRO B 203 -22.02 9.53 -4.04
N ILE B 204 -22.72 10.67 -4.19
CA ILE B 204 -22.50 11.55 -5.32
C ILE B 204 -21.24 12.39 -5.08
N ASN B 205 -21.12 12.95 -3.89
CA ASN B 205 -20.08 13.93 -3.63
C ASN B 205 -18.74 13.27 -3.36
N LEU B 206 -18.75 12.04 -2.81
CA LEU B 206 -17.55 11.40 -2.28
C LEU B 206 -17.21 10.06 -2.94
N PHE B 207 -18.22 9.33 -3.49
CA PHE B 207 -17.95 8.03 -4.09
C PHE B 207 -17.68 8.15 -5.59
N VAL B 208 -18.11 9.26 -6.20
CA VAL B 208 -17.75 9.56 -7.57
C VAL B 208 -16.32 10.07 -7.58
N ASP B 209 -15.53 9.55 -8.52
CA ASP B 209 -14.14 9.87 -8.69
C ASP B 209 -13.96 11.39 -8.80
N GLY B 210 -12.89 11.90 -8.16
CA GLY B 210 -12.65 13.32 -8.08
C GLY B 210 -12.27 13.97 -9.43
N ARG B 211 -11.88 13.16 -10.43
CA ARG B 211 -11.59 13.69 -11.75
C ARG B 211 -12.85 13.93 -12.57
N VAL B 212 -14.01 13.49 -12.08
CA VAL B 212 -15.27 13.82 -12.74
C VAL B 212 -15.73 15.17 -12.22
N THR B 213 -15.62 16.21 -13.06
CA THR B 213 -15.97 17.56 -12.63
C THR B 213 -17.42 17.88 -12.99
N THR B 214 -17.94 17.25 -14.03
CA THR B 214 -19.22 17.62 -14.59
C THR B 214 -20.20 16.43 -14.60
N ASP B 215 -21.44 16.70 -14.20
CA ASP B 215 -22.51 15.72 -14.30
C ASP B 215 -22.14 14.51 -13.46
N ARG B 216 -22.00 14.74 -12.16
CA ARG B 216 -21.46 13.74 -11.26
C ARG B 216 -22.52 12.67 -11.00
N LYS B 217 -22.14 11.42 -11.19
CA LYS B 217 -23.09 10.32 -11.11
C LYS B 217 -22.33 9.05 -10.80
N LEU B 218 -22.94 8.15 -10.01
CA LEU B 218 -22.24 6.96 -9.57
C LEU B 218 -22.74 5.73 -10.33
N SER B 219 -21.82 4.94 -10.87
CA SER B 219 -22.17 3.68 -11.55
C SER B 219 -22.55 2.64 -10.51
N MET B 220 -23.36 1.67 -10.94
CA MET B 220 -23.80 0.62 -10.04
C MET B 220 -22.61 -0.25 -9.65
N GLU B 221 -21.61 -0.38 -10.55
CA GLU B 221 -20.41 -1.17 -10.28
C GLU B 221 -19.62 -0.54 -9.11
N ASP B 222 -19.45 0.77 -9.14
CA ASP B 222 -18.71 1.48 -8.11
C ASP B 222 -19.49 1.46 -6.79
N ALA B 223 -20.81 1.63 -6.90
CA ALA B 223 -21.66 1.58 -5.73
C ALA B 223 -21.53 0.21 -5.06
N ALA B 224 -21.59 -0.88 -5.84
CA ALA B 224 -21.52 -2.20 -5.25
C ALA B 224 -20.16 -2.41 -4.59
N SER B 225 -19.12 -1.93 -5.26
CA SER B 225 -17.76 -2.12 -4.78
C SER B 225 -17.60 -1.53 -3.36
N ILE B 226 -18.15 -0.34 -3.16
CA ILE B 226 -18.02 0.36 -1.88
C ILE B 226 -19.04 -0.15 -0.85
N PHE B 227 -20.33 -0.17 -1.23
CA PHE B 227 -21.39 -0.54 -0.30
C PHE B 227 -21.34 -2.02 0.11
N ARG B 228 -20.99 -2.92 -0.83
CA ARG B 228 -20.98 -4.35 -0.57
C ARG B 228 -19.57 -4.80 -0.20
N ASP B 229 -18.57 -4.50 -1.03
CA ASP B 229 -17.27 -5.15 -0.89
C ASP B 229 -16.30 -4.34 -0.04
N MET B 230 -16.64 -3.09 0.32
CA MET B 230 -15.76 -2.24 1.11
C MET B 230 -14.46 -1.97 0.36
N ARG B 231 -14.57 -1.75 -0.96
CA ARG B 231 -13.42 -1.67 -1.84
CA ARG B 231 -13.42 -1.66 -1.84
C ARG B 231 -13.57 -0.42 -2.72
N PHE B 232 -12.53 0.40 -2.72
CA PHE B 232 -12.46 1.51 -3.66
C PHE B 232 -12.51 0.99 -5.09
N PRO B 233 -13.19 1.69 -6.02
CA PRO B 233 -12.99 1.42 -7.44
C PRO B 233 -11.50 1.40 -7.78
N ASP B 234 -11.11 0.63 -8.81
CA ASP B 234 -9.77 0.70 -9.35
C ASP B 234 -9.40 2.13 -9.69
N ASP B 235 -8.17 2.51 -9.33
CA ASP B 235 -7.60 3.81 -9.66
C ASP B 235 -8.41 4.98 -9.06
N PHE B 236 -9.09 4.74 -7.93
CA PHE B 236 -10.03 5.71 -7.41
C PHE B 236 -9.26 6.96 -6.96
N HIS B 237 -9.70 8.12 -7.44
CA HIS B 237 -9.20 9.40 -6.96
C HIS B 237 -10.29 10.08 -6.14
N ARG B 238 -9.91 10.57 -4.95
CA ARG B 238 -10.86 11.24 -4.09
C ARG B 238 -11.34 12.56 -4.69
N SER B 239 -12.43 13.08 -4.12
CA SER B 239 -12.96 14.39 -4.46
C SER B 239 -11.82 15.41 -4.54
N ALA B 240 -11.92 16.34 -5.52
CA ALA B 240 -10.90 17.34 -5.77
C ALA B 240 -10.98 18.48 -4.76
N VAL B 241 -12.07 18.50 -3.95
CA VAL B 241 -12.28 19.50 -2.92
C VAL B 241 -12.84 18.80 -1.68
N PRO B 242 -12.57 19.31 -0.46
CA PRO B 242 -13.26 18.83 0.74
C PRO B 242 -14.76 18.90 0.47
N ALA B 243 -15.49 17.86 0.86
CA ALA B 243 -16.92 17.84 0.58
C ALA B 243 -17.64 16.96 1.59
N SER B 244 -18.97 17.11 1.60
CA SER B 244 -19.82 16.38 2.52
C SER B 244 -21.23 16.35 1.94
N ASN B 245 -22.11 17.25 2.40
CA ASN B 245 -23.53 17.08 2.21
C ASN B 245 -24.10 18.03 1.17
N GLU B 246 -23.27 18.45 0.19
CA GLU B 246 -23.75 19.35 -0.85
C GLU B 246 -24.94 18.69 -1.57
N GLY B 247 -26.07 19.44 -1.66
CA GLY B 247 -27.25 19.00 -2.41
C GLY B 247 -28.29 18.30 -1.54
N ALA B 248 -27.97 18.02 -0.26
CA ALA B 248 -28.94 17.39 0.63
C ALA B 248 -30.23 18.19 0.73
N ASP B 249 -30.13 19.53 0.67
CA ASP B 249 -31.28 20.42 0.65
C ASP B 249 -32.23 20.08 -0.51
N GLN B 250 -31.68 19.79 -1.70
CA GLN B 250 -32.50 19.52 -2.87
C GLN B 250 -33.19 18.16 -2.75
N VAL B 251 -32.56 17.24 -2.01
CA VAL B 251 -33.15 15.93 -1.75
C VAL B 251 -34.41 16.10 -0.91
N LEU B 252 -34.31 16.91 0.15
CA LEU B 252 -35.47 17.19 0.99
C LEU B 252 -36.54 17.93 0.18
N ALA B 253 -36.13 18.90 -0.66
CA ALA B 253 -37.06 19.73 -1.41
C ALA B 253 -37.88 18.91 -2.41
N ALA B 254 -37.29 17.83 -2.97
CA ALA B 254 -37.99 16.97 -3.91
C ALA B 254 -39.18 16.26 -3.26
N HIS B 255 -39.09 15.97 -1.96
CA HIS B 255 -40.19 15.34 -1.24
C HIS B 255 -40.18 15.84 0.19
N PRO B 256 -40.69 17.08 0.42
CA PRO B 256 -40.70 17.67 1.77
C PRO B 256 -41.20 16.65 2.78
N TRP B 257 -40.53 16.60 3.93
CA TRP B 257 -40.81 15.60 4.94
C TRP B 257 -40.45 16.14 6.32
N VAL B 258 -41.17 15.64 7.31
CA VAL B 258 -41.12 16.19 8.65
C VAL B 258 -40.69 15.09 9.60
N PRO B 259 -39.77 15.38 10.55
CA PRO B 259 -39.33 14.36 11.50
C PRO B 259 -40.51 13.80 12.30
N GLY B 260 -40.38 12.54 12.70
CA GLY B 260 -41.42 11.87 13.46
C GLY B 260 -41.17 10.37 13.47
N GLY B 261 -42.25 9.59 13.57
CA GLY B 261 -42.15 8.15 13.68
C GLY B 261 -43.51 7.48 13.66
N ASN B 262 -43.51 6.16 13.48
CA ASN B 262 -44.71 5.37 13.63
C ASN B 262 -45.04 5.31 15.13
N ALA B 263 -46.26 5.72 15.51
CA ALA B 263 -46.66 5.71 16.91
C ALA B 263 -47.33 4.39 17.28
N ASP B 264 -47.17 4.01 18.56
CA ASP B 264 -47.99 2.99 19.23
C ASP B 264 -47.79 1.62 18.59
N ASN B 265 -46.56 1.38 18.12
CA ASN B 265 -46.15 0.06 17.67
C ASN B 265 -47.04 -0.41 16.52
N GLN B 266 -47.43 0.51 15.61
CA GLN B 266 -48.25 0.18 14.46
C GLN B 266 -47.60 0.73 13.19
N VAL B 267 -47.77 -0.01 12.09
CA VAL B 267 -47.38 0.47 10.77
C VAL B 267 -48.38 1.50 10.26
N ASN B 268 -48.00 2.20 9.19
CA ASN B 268 -48.81 3.21 8.53
C ASN B 268 -49.44 4.16 9.55
N ASN B 269 -48.63 4.66 10.48
CA ASN B 269 -49.12 5.45 11.59
C ASN B 269 -48.10 6.51 11.97
N TYR B 270 -47.68 7.30 10.98
CA TYR B 270 -46.57 8.22 11.16
C TYR B 270 -47.06 9.52 11.77
N VAL B 271 -46.49 9.89 12.92
CA VAL B 271 -46.86 11.11 13.64
C VAL B 271 -45.64 12.03 13.71
N GLU B 272 -45.86 13.29 13.31
CA GLU B 272 -44.83 14.31 13.33
CA GLU B 272 -44.84 14.32 13.33
C GLU B 272 -44.40 14.56 14.77
N ASP B 273 -43.11 14.90 14.96
CA ASP B 273 -42.58 15.33 16.25
C ASP B 273 -42.07 16.77 16.10
N PRO B 274 -42.80 17.79 16.61
CA PRO B 274 -42.42 19.19 16.39
C PRO B 274 -41.24 19.66 17.23
N ASP B 275 -40.83 18.86 18.24
CA ASP B 275 -39.68 19.17 19.07
C ASP B 275 -38.35 18.70 18.46
N SER B 276 -38.41 17.85 17.41
CA SER B 276 -37.21 17.29 16.82
C SER B 276 -36.39 18.36 16.11
N ALA B 277 -35.08 18.15 16.04
CA ALA B 277 -34.26 18.91 15.09
C ALA B 277 -34.83 18.78 13.69
N ASP B 278 -34.60 19.81 12.87
CA ASP B 278 -34.77 19.75 11.43
C ASP B 278 -33.73 20.68 10.81
N PHE B 279 -33.82 20.95 9.50
CA PHE B 279 -32.74 21.62 8.79
C PHE B 279 -32.73 23.12 9.09
N THR B 280 -33.81 23.68 9.65
CA THR B 280 -33.76 25.06 10.10
C THR B 280 -33.65 25.12 11.63
N HIS B 281 -33.46 23.98 12.30
CA HIS B 281 -33.33 23.94 13.76
C HIS B 281 -32.23 22.96 14.16
N LEU B 282 -31.03 23.16 13.61
CA LEU B 282 -29.95 22.19 13.74
C LEU B 282 -29.42 22.09 15.16
N CYS B 283 -29.46 23.20 15.91
CA CYS B 283 -28.87 23.23 17.24
C CYS B 283 -29.63 22.31 18.18
N ARG B 284 -30.90 22.02 17.90
CA ARG B 284 -31.65 21.04 18.68
C ARG B 284 -30.99 19.67 18.64
N LEU B 285 -30.32 19.34 17.53
CA LEU B 285 -29.62 18.07 17.44
C LEU B 285 -28.48 18.10 18.47
N TYR B 286 -27.75 19.22 18.54
CA TYR B 286 -26.65 19.36 19.49
C TYR B 286 -27.17 19.19 20.92
N GLU B 287 -28.22 19.91 21.27
CA GLU B 287 -28.78 19.87 22.62
C GLU B 287 -29.29 18.47 22.94
N PHE B 288 -29.97 17.84 21.97
CA PHE B 288 -30.51 16.52 22.19
C PHE B 288 -29.39 15.55 22.55
N VAL B 289 -28.31 15.58 21.75
CA VAL B 289 -27.23 14.64 21.97
C VAL B 289 -26.55 14.91 23.31
N VAL B 290 -26.38 16.17 23.69
CA VAL B 290 -25.74 16.47 24.98
C VAL B 290 -26.58 15.84 26.11
N GLY B 291 -27.91 15.92 25.97
CA GLY B 291 -28.81 15.25 26.90
C GLY B 291 -28.62 13.74 26.90
N SER B 292 -28.51 13.16 25.69
CA SER B 292 -28.31 11.72 25.58
C SER B 292 -27.01 11.32 26.29
N VAL B 293 -25.96 12.13 26.15
CA VAL B 293 -24.69 11.80 26.78
C VAL B 293 -24.83 11.78 28.30
N GLN B 294 -25.59 12.73 28.85
CA GLN B 294 -25.82 12.79 30.28
C GLN B 294 -26.57 11.56 30.78
N GLU B 295 -27.52 11.07 29.98
CA GLU B 295 -28.23 9.83 30.31
C GLU B 295 -27.28 8.63 30.32
N LEU B 296 -26.29 8.58 29.41
CA LEU B 296 -25.32 7.49 29.42
C LEU B 296 -24.37 7.61 30.60
N TYR B 297 -24.04 8.85 30.97
CA TYR B 297 -23.01 9.12 31.98
C TYR B 297 -23.55 10.14 33.00
N PRO B 298 -24.44 9.72 33.94
CA PRO B 298 -25.07 10.66 34.87
C PRO B 298 -24.11 11.30 35.88
N ASN B 299 -23.10 10.57 36.33
CA ASN B 299 -22.25 11.03 37.42
C ASN B 299 -20.84 10.48 37.24
N PRO B 300 -20.12 10.85 36.15
CA PRO B 300 -18.76 10.38 35.94
C PRO B 300 -17.76 11.06 36.85
N THR B 301 -16.64 10.37 37.09
CA THR B 301 -15.54 10.88 37.89
C THR B 301 -14.23 10.55 37.18
N GLY B 302 -13.13 11.10 37.69
CA GLY B 302 -11.80 10.79 37.19
C GLY B 302 -11.62 11.07 35.69
N ILE B 303 -10.89 10.16 35.03
CA ILE B 303 -10.51 10.32 33.63
C ILE B 303 -11.76 10.32 32.76
N LEU B 304 -12.76 9.51 33.09
CA LEU B 304 -14.01 9.48 32.31
C LEU B 304 -14.67 10.86 32.27
N ARG B 305 -14.78 11.53 33.42
CA ARG B 305 -15.37 12.86 33.44
C ARG B 305 -14.54 13.82 32.60
N ARG B 306 -13.22 13.77 32.81
CA ARG B 306 -12.28 14.66 32.13
C ARG B 306 -12.40 14.46 30.62
N ASN B 307 -12.39 13.20 30.17
CA ASN B 307 -12.43 12.90 28.76
C ASN B 307 -13.80 13.22 28.17
N LEU B 308 -14.87 13.14 28.98
CA LEU B 308 -16.19 13.55 28.51
C LEU B 308 -16.20 15.05 28.20
N ILE B 309 -15.62 15.83 29.12
CA ILE B 309 -15.55 17.27 28.95
C ILE B 309 -14.78 17.61 27.66
N LYS B 310 -13.64 16.96 27.47
CA LYS B 310 -12.81 17.27 26.31
C LYS B 310 -13.53 16.90 24.99
N ASN B 311 -14.13 15.71 24.95
CA ASN B 311 -14.78 15.20 23.74
C ASN B 311 -16.00 16.03 23.40
N LEU B 312 -16.73 16.49 24.43
CA LEU B 312 -17.87 17.35 24.21
C LEU B 312 -17.44 18.66 23.56
N HIS B 313 -16.33 19.23 24.05
CA HIS B 313 -15.76 20.44 23.48
C HIS B 313 -15.32 20.19 22.04
N TYR B 314 -14.61 19.07 21.80
CA TYR B 314 -14.13 18.76 20.46
C TYR B 314 -15.31 18.70 19.50
N TRP B 315 -16.39 18.05 19.94
CA TRP B 315 -17.57 17.92 19.10
C TRP B 315 -18.14 19.29 18.77
N TRP B 316 -18.26 20.13 19.81
CA TRP B 316 -18.76 21.47 19.62
C TRP B 316 -17.93 22.25 18.60
N THR B 317 -16.61 22.06 18.55
CA THR B 317 -15.79 22.83 17.61
C THR B 317 -16.28 22.60 16.18
N GLY B 318 -16.67 21.37 15.87
CA GLY B 318 -17.20 21.09 14.53
C GLY B 318 -18.65 21.52 14.38
N VAL B 319 -19.48 21.21 15.39
CA VAL B 319 -20.90 21.56 15.35
C VAL B 319 -21.05 23.07 15.15
N ASN B 320 -20.21 23.87 15.84
CA ASN B 320 -20.39 25.32 15.84
C ASN B 320 -20.36 25.86 14.42
N VAL B 321 -19.43 25.33 13.62
CA VAL B 321 -19.26 25.75 12.25
C VAL B 321 -20.34 25.08 11.39
N ALA B 322 -20.45 23.76 11.47
CA ALA B 322 -21.30 23.04 10.54
C ALA B 322 -22.76 23.44 10.69
N PHE B 323 -23.19 23.77 11.92
CA PHE B 323 -24.60 24.07 12.16
C PHE B 323 -24.85 25.57 12.16
N GLY B 324 -23.82 26.38 11.91
CA GLY B 324 -23.98 27.83 11.79
C GLY B 324 -24.13 28.52 13.13
N GLY B 325 -23.51 27.99 14.19
CA GLY B 325 -23.41 28.65 15.49
C GLY B 325 -24.41 28.09 16.50
N CYS B 326 -23.89 27.43 17.55
CA CYS B 326 -24.67 26.87 18.63
C CYS B 326 -23.97 27.21 19.95
N ASP B 327 -24.75 27.58 20.96
CA ASP B 327 -24.17 27.90 22.26
C ASP B 327 -23.61 26.64 22.87
N GLU B 328 -22.32 26.64 23.22
CA GLU B 328 -21.70 25.48 23.82
C GLU B 328 -22.35 25.18 25.17
N LEU B 329 -22.57 23.88 25.43
CA LEU B 329 -23.06 23.42 26.72
C LEU B 329 -21.91 22.73 27.45
N PHE B 330 -21.94 22.81 28.78
CA PHE B 330 -20.89 22.27 29.63
C PHE B 330 -21.56 21.46 30.74
N PRO B 331 -22.16 20.30 30.39
CA PRO B 331 -22.93 19.52 31.36
C PRO B 331 -22.13 19.03 32.56
N TYR B 332 -20.80 19.02 32.45
CA TYR B 332 -19.97 18.57 33.56
C TYR B 332 -19.04 19.68 34.04
N GLY B 333 -19.37 20.93 33.71
CA GLY B 333 -18.50 22.06 34.02
C GLY B 333 -17.32 22.12 33.05
N GLN B 334 -16.25 22.83 33.48
CA GLN B 334 -15.03 22.99 32.71
C GLN B 334 -13.85 22.42 33.50
N LEU B 335 -12.74 22.13 32.80
CA LEU B 335 -11.59 21.48 33.41
C LEU B 335 -10.98 22.39 34.50
N GLN C 1 1.93 19.01 -13.35
CA GLN C 1 3.17 18.78 -14.15
C GLN C 1 4.39 19.03 -13.28
N GLY C 2 5.59 18.84 -13.83
CA GLY C 2 6.82 19.06 -13.09
C GLY C 2 7.98 19.54 -13.95
N VAL C 3 9.19 19.24 -13.47
CA VAL C 3 10.43 19.81 -13.96
C VAL C 3 11.28 18.69 -14.55
N ASP C 4 12.16 19.06 -15.48
CA ASP C 4 13.18 18.16 -16.02
C ASP C 4 14.51 18.47 -15.33
N PRO C 5 14.99 17.63 -14.37
CA PRO C 5 16.09 18.05 -13.49
C PRO C 5 17.45 18.00 -14.18
N PRO C 6 18.24 19.09 -14.17
CA PRO C 6 19.53 19.12 -14.89
C PRO C 6 20.56 18.33 -14.10
N PRO C 7 21.67 17.90 -14.73
CA PRO C 7 22.73 17.19 -14.02
C PRO C 7 23.38 18.13 -13.00
N PRO C 8 24.02 17.61 -11.94
CA PRO C 8 24.64 18.48 -10.94
C PRO C 8 25.75 19.33 -11.55
N PRO C 9 25.99 20.53 -11.01
CA PRO C 9 27.19 21.29 -11.33
C PRO C 9 28.43 20.46 -11.04
N GLY C 10 29.49 20.75 -11.82
CA GLY C 10 30.83 20.33 -11.48
C GLY C 10 31.47 21.25 -10.45
N PRO C 11 32.77 21.04 -10.13
CA PRO C 11 33.47 21.87 -9.16
C PRO C 11 33.42 23.34 -9.53
N PRO C 12 33.59 24.27 -8.58
CA PRO C 12 33.60 25.69 -8.95
C PRO C 12 34.82 26.00 -9.83
N SER C 13 34.66 26.99 -10.73
CA SER C 13 35.73 27.40 -11.62
CA SER C 13 35.69 27.47 -11.62
C SER C 13 36.97 27.80 -10.83
N PHE C 14 36.77 28.51 -9.72
CA PHE C 14 37.85 28.95 -8.84
C PHE C 14 37.72 28.20 -7.53
N THR C 15 38.80 27.52 -7.09
CA THR C 15 38.75 26.68 -5.91
C THR C 15 39.67 27.20 -4.81
N GLY C 16 40.20 28.43 -4.94
CA GLY C 16 41.05 29.00 -3.89
C GLY C 16 40.21 29.65 -2.79
N THR C 17 40.89 30.26 -1.79
CA THR C 17 40.18 30.98 -0.73
C THR C 17 39.58 32.26 -1.30
N LYS C 18 38.51 32.73 -0.65
CA LYS C 18 37.96 34.04 -0.92
C LYS C 18 37.04 34.44 0.24
N LEU C 19 36.75 35.73 0.32
CA LEU C 19 35.78 36.27 1.26
C LEU C 19 34.40 35.80 0.83
N VAL C 20 33.71 35.07 1.72
CA VAL C 20 32.37 34.60 1.40
C VAL C 20 31.33 35.37 2.21
N ASN C 21 31.73 35.93 3.36
CA ASN C 21 30.84 36.80 4.11
C ASN C 21 30.95 38.21 3.56
N ASP C 22 30.34 38.46 2.40
CA ASP C 22 30.67 39.63 1.59
C ASP C 22 29.39 40.43 1.35
N ALA C 23 29.52 41.53 0.60
CA ALA C 23 28.45 42.52 0.47
C ALA C 23 27.24 41.89 -0.19
N ASP C 24 27.48 40.98 -1.12
CA ASP C 24 26.39 40.36 -1.87
C ASP C 24 25.67 39.30 -1.04
N HIS C 25 26.25 38.83 0.07
CA HIS C 25 25.72 37.72 0.83
C HIS C 25 25.65 38.09 2.31
N PRO C 26 24.84 39.11 2.66
CA PRO C 26 24.71 39.52 4.06
C PRO C 26 23.86 38.55 4.86
N TRP C 27 24.27 38.28 6.11
CA TRP C 27 23.38 37.60 7.03
C TRP C 27 22.10 38.43 7.21
N GLN C 28 20.95 37.75 7.20
CA GLN C 28 19.69 38.41 7.50
C GLN C 28 18.86 37.51 8.40
N PRO C 29 18.04 38.10 9.28
CA PRO C 29 17.27 37.30 10.23
C PRO C 29 16.18 36.49 9.54
N LEU C 30 15.77 35.39 10.18
CA LEU C 30 14.68 34.56 9.68
C LEU C 30 13.40 35.37 9.63
N ARG C 31 12.66 35.21 8.53
CA ARG C 31 11.30 35.73 8.42
C ARG C 31 10.34 34.57 8.66
N GLU C 32 9.10 34.88 9.05
CA GLU C 32 8.02 33.91 9.13
C GLU C 32 7.98 33.08 7.84
N GLY C 33 7.96 31.75 7.97
CA GLY C 33 7.86 30.88 6.82
C GLY C 33 9.22 30.38 6.30
N ASP C 34 10.31 31.04 6.68
CA ASP C 34 11.65 30.56 6.32
C ASP C 34 11.94 29.24 7.03
N ILE C 35 12.53 28.26 6.33
CA ILE C 35 12.79 26.97 6.90
C ILE C 35 14.28 26.79 7.18
N ARG C 36 14.58 26.24 8.36
CA ARG C 36 15.94 25.86 8.70
C ARG C 36 15.85 24.46 9.30
N GLY C 37 16.99 23.75 9.38
CA GLY C 37 16.98 22.36 9.76
C GLY C 37 18.21 21.93 10.54
N PRO C 38 18.58 20.64 10.43
CA PRO C 38 19.62 20.07 11.28
C PRO C 38 21.05 20.31 10.80
N CYS C 39 21.18 20.89 9.59
CA CYS C 39 22.50 21.11 9.00
C CYS C 39 22.94 22.55 9.18
N PRO C 40 23.99 22.81 9.98
CA PRO C 40 24.48 24.17 10.15
C PRO C 40 25.07 24.74 8.87
N GLY C 41 25.58 23.85 7.98
CA GLY C 41 26.16 24.33 6.74
C GLY C 41 25.10 24.94 5.83
N LEU C 42 24.04 24.15 5.55
CA LEU C 42 22.95 24.63 4.72
C LEU C 42 22.24 25.81 5.38
N ASN C 43 22.05 25.74 6.69
CA ASN C 43 21.38 26.82 7.41
C ASN C 43 22.14 28.14 7.18
N THR C 44 23.47 28.11 7.34
CA THR C 44 24.29 29.32 7.19
C THR C 44 24.24 29.82 5.76
N LEU C 45 24.28 28.90 4.79
CA LEU C 45 24.19 29.28 3.39
C LEU C 45 22.88 29.98 3.10
N ALA C 46 21.77 29.47 3.66
CA ALA C 46 20.47 30.08 3.41
C ALA C 46 20.42 31.46 4.06
N SER C 47 20.94 31.59 5.28
CA SER C 47 20.82 32.84 6.02
C SER C 47 21.78 33.93 5.46
N HIS C 48 22.71 33.54 4.57
CA HIS C 48 23.54 34.51 3.84
C HIS C 48 23.13 34.66 2.38
N GLY C 49 22.06 33.97 1.97
CA GLY C 49 21.54 34.14 0.61
C GLY C 49 22.35 33.37 -0.45
N TYR C 50 23.23 32.46 -0.04
CA TYR C 50 23.87 31.54 -0.99
C TYR C 50 22.81 30.55 -1.49
N LEU C 51 21.89 30.14 -0.61
CA LEU C 51 20.66 29.44 -0.97
C LEU C 51 19.51 30.44 -0.91
N PRO C 52 18.34 30.11 -1.49
CA PRO C 52 17.11 30.87 -1.23
C PRO C 52 16.90 31.00 0.28
N ARG C 53 16.58 32.22 0.73
CA ARG C 53 16.55 32.54 2.15
C ARG C 53 15.40 31.79 2.86
N ASP C 54 14.43 31.31 2.09
CA ASP C 54 13.33 30.55 2.67
C ASP C 54 13.67 29.08 2.94
N GLY C 55 14.88 28.62 2.55
CA GLY C 55 15.35 27.29 2.94
C GLY C 55 14.75 26.16 2.10
N VAL C 56 14.19 26.48 0.94
CA VAL C 56 13.79 25.51 -0.06
C VAL C 56 14.60 25.73 -1.32
N ALA C 57 15.18 24.66 -1.88
CA ALA C 57 16.11 24.81 -3.00
C ALA C 57 16.13 23.55 -3.87
N THR C 58 16.66 23.72 -5.10
CA THR C 58 16.93 22.61 -6.00
C THR C 58 18.24 21.97 -5.57
N PRO C 59 18.44 20.69 -5.89
CA PRO C 59 19.75 20.07 -5.69
C PRO C 59 20.91 20.89 -6.28
N ALA C 60 20.72 21.38 -7.50
CA ALA C 60 21.74 22.15 -8.20
C ALA C 60 22.09 23.39 -7.38
N GLN C 61 21.07 24.09 -6.88
CA GLN C 61 21.31 25.25 -6.02
C GLN C 61 22.13 24.89 -4.80
N ILE C 62 21.83 23.73 -4.19
CA ILE C 62 22.49 23.33 -2.95
C ILE C 62 23.96 23.04 -3.24
N ILE C 63 24.23 22.30 -4.31
CA ILE C 63 25.59 21.94 -4.65
C ILE C 63 26.41 23.20 -4.87
N THR C 64 25.92 24.14 -5.69
CA THR C 64 26.67 25.34 -6.00
CA THR C 64 26.71 25.32 -6.00
C THR C 64 26.87 26.17 -4.74
N ALA C 65 25.86 26.22 -3.86
CA ALA C 65 25.97 27.01 -2.63
C ALA C 65 27.02 26.44 -1.69
N THR C 66 27.09 25.11 -1.56
CA THR C 66 28.08 24.51 -0.65
C THR C 66 29.50 24.73 -1.19
N GLN C 67 29.65 24.74 -2.52
CA GLN C 67 30.94 24.99 -3.14
C GLN C 67 31.31 26.48 -2.98
N GLU C 68 30.39 27.38 -3.37
CA GLU C 68 30.66 28.81 -3.35
C GLU C 68 30.97 29.27 -1.92
N GLY C 69 30.14 28.84 -0.94
CA GLY C 69 30.21 29.34 0.41
C GLY C 69 31.30 28.71 1.27
N PHE C 70 31.56 27.41 1.08
CA PHE C 70 32.46 26.69 1.98
C PHE C 70 33.56 25.92 1.25
N ASN C 71 33.52 25.89 -0.09
CA ASN C 71 34.44 25.06 -0.87
C ASN C 71 34.26 23.58 -0.49
N PHE C 72 33.01 23.19 -0.26
CA PHE C 72 32.70 21.77 -0.09
C PHE C 72 33.06 21.05 -1.39
N GLU C 73 33.75 19.93 -1.28
CA GLU C 73 34.21 19.19 -2.46
C GLU C 73 33.01 18.69 -3.29
N ASN C 74 33.14 18.75 -4.61
CA ASN C 74 32.05 18.55 -5.54
C ASN C 74 31.34 17.21 -5.31
N ASN C 75 32.09 16.11 -5.26
CA ASN C 75 31.50 14.80 -5.12
C ASN C 75 30.92 14.62 -3.72
N ALA C 76 31.53 15.17 -2.68
CA ALA C 76 30.95 15.13 -1.35
C ALA C 76 29.60 15.87 -1.35
N ALA C 77 29.52 16.97 -2.10
CA ALA C 77 28.29 17.74 -2.21
C ALA C 77 27.23 16.94 -2.96
N ILE C 78 27.65 16.25 -4.01
CA ILE C 78 26.72 15.47 -4.81
C ILE C 78 26.22 14.30 -3.96
N VAL C 79 27.10 13.65 -3.21
CA VAL C 79 26.70 12.51 -2.39
C VAL C 79 25.66 12.96 -1.35
N ALA C 80 25.94 14.05 -0.66
CA ALA C 80 25.04 14.52 0.38
C ALA C 80 23.72 15.00 -0.23
N THR C 81 23.80 15.77 -1.32
CA THR C 81 22.63 16.49 -1.79
C THR C 81 21.60 15.52 -2.38
N TYR C 82 22.04 14.59 -3.24
CA TYR C 82 21.11 13.69 -3.89
C TYR C 82 20.62 12.62 -2.90
N LEU C 83 21.42 12.26 -1.90
CA LEU C 83 20.94 11.39 -0.85
C LEU C 83 19.75 12.08 -0.16
N GLY C 84 19.95 13.32 0.23
CA GLY C 84 18.90 14.09 0.88
C GLY C 84 17.68 14.25 -0.01
N HIS C 85 17.91 14.50 -1.29
CA HIS C 85 16.82 14.75 -2.22
C HIS C 85 16.03 13.47 -2.53
N LEU C 86 16.72 12.37 -2.80
CA LEU C 86 16.04 11.12 -3.11
C LEU C 86 15.10 10.72 -1.96
N LEU C 87 15.60 10.81 -0.72
CA LEU C 87 14.88 10.35 0.45
C LEU C 87 13.85 11.37 0.93
N ASN C 88 14.17 12.67 0.85
CA ASN C 88 13.43 13.69 1.58
C ASN C 88 12.94 14.84 0.70
N GLY C 89 13.20 14.78 -0.61
CA GLY C 89 12.78 15.87 -1.49
C GLY C 89 11.66 15.46 -2.43
N ASN C 90 11.17 16.46 -3.18
CA ASN C 90 10.13 16.23 -4.16
C ASN C 90 10.77 16.12 -5.54
N LEU C 91 10.74 14.91 -6.11
CA LEU C 91 11.47 14.60 -7.32
C LEU C 91 10.76 15.17 -8.55
N VAL C 92 9.47 15.43 -8.44
CA VAL C 92 8.71 15.99 -9.55
C VAL C 92 8.94 17.49 -9.68
N THR C 93 8.93 18.24 -8.57
CA THR C 93 9.18 19.68 -8.64
C THR C 93 10.67 20.00 -8.57
N ASP C 94 11.49 19.01 -8.18
CA ASP C 94 12.94 19.20 -7.99
C ASP C 94 13.25 20.17 -6.85
N LEU C 95 12.50 20.08 -5.75
CA LEU C 95 12.71 20.96 -4.60
C LEU C 95 12.89 20.13 -3.34
N LEU C 96 13.84 20.54 -2.51
CA LEU C 96 14.09 19.96 -1.21
C LEU C 96 13.99 21.05 -0.13
N SER C 97 13.31 20.72 0.97
CA SER C 97 13.35 21.53 2.17
C SER C 97 14.58 21.19 3.00
N ILE C 98 15.31 22.20 3.51
CA ILE C 98 16.50 21.91 4.30
C ILE C 98 16.09 21.66 5.75
N GLY C 99 14.79 21.77 6.02
CA GLY C 99 14.25 21.46 7.35
C GLY C 99 13.04 20.52 7.26
N GLY C 100 11.89 21.03 7.73
CA GLY C 100 10.67 20.23 7.80
C GLY C 100 9.74 20.42 6.60
N ALA C 101 8.54 19.87 6.75
CA ALA C 101 7.58 19.77 5.66
C ALA C 101 7.03 21.14 5.33
N THR C 102 6.73 21.37 4.05
CA THR C 102 6.32 22.70 3.63
C THR C 102 5.57 22.56 2.32
N PRO C 103 4.50 23.35 2.09
CA PRO C 103 3.87 23.42 0.77
C PRO C 103 4.79 23.97 -0.31
N LYS C 104 5.87 24.67 0.06
CA LYS C 104 6.78 25.25 -0.91
C LYS C 104 7.43 24.19 -1.80
N THR C 105 7.45 22.91 -1.39
CA THR C 105 8.08 21.89 -2.23
C THR C 105 7.08 21.37 -3.24
N GLY C 106 5.82 21.81 -3.17
CA GLY C 106 4.80 21.44 -4.14
C GLY C 106 3.92 20.28 -3.67
N PRO C 107 3.02 19.78 -4.54
CA PRO C 107 2.11 18.68 -4.17
C PRO C 107 2.88 17.48 -3.61
N PRO C 108 2.44 16.88 -2.49
CA PRO C 108 3.17 15.77 -1.91
C PRO C 108 3.22 14.57 -2.86
N PRO C 109 4.27 13.72 -2.80
CA PRO C 109 4.34 12.50 -3.59
C PRO C 109 3.42 11.43 -3.00
N PRO C 110 3.16 10.33 -3.74
CA PRO C 110 2.42 9.20 -3.19
C PRO C 110 3.13 8.52 -2.02
N PRO C 111 2.42 8.29 -0.90
CA PRO C 111 3.01 7.55 0.22
C PRO C 111 3.50 6.20 -0.29
N PRO C 112 4.50 5.56 0.35
CA PRO C 112 5.14 6.08 1.57
C PRO C 112 6.19 7.19 1.42
N ALA C 113 6.46 7.66 0.20
CA ALA C 113 7.29 8.84 0.00
C ALA C 113 6.60 10.04 0.63
N HIS C 114 7.39 11.05 1.02
CA HIS C 114 6.89 12.16 1.83
C HIS C 114 7.40 13.53 1.39
N ALA C 115 8.63 13.62 0.88
CA ALA C 115 9.27 14.91 0.62
C ALA C 115 9.18 15.79 1.86
N GLY C 116 9.50 15.21 3.01
CA GLY C 116 9.32 15.85 4.30
C GLY C 116 10.51 16.71 4.73
N GLY C 117 11.58 16.72 3.93
CA GLY C 117 12.74 17.57 4.22
C GLY C 117 13.78 16.85 5.06
N LEU C 118 14.92 17.52 5.27
CA LEU C 118 16.07 16.93 5.95
C LEU C 118 15.79 16.59 7.41
N ASN C 119 14.75 17.21 7.99
CA ASN C 119 14.33 16.91 9.35
C ASN C 119 13.89 15.46 9.54
N VAL C 120 13.46 14.77 8.47
CA VAL C 120 12.95 13.40 8.61
C VAL C 120 14.02 12.47 9.20
N HIS C 121 13.67 11.75 10.26
CA HIS C 121 14.62 10.94 11.01
C HIS C 121 14.72 9.54 10.43
N GLY C 122 15.90 8.91 10.49
CA GLY C 122 15.95 7.46 10.51
C GLY C 122 16.64 6.80 9.31
N THR C 123 16.72 7.50 8.16
CA THR C 123 17.47 6.98 7.01
C THR C 123 18.63 7.91 6.65
N PHE C 124 18.43 9.24 6.68
CA PHE C 124 19.53 10.21 6.61
C PHE C 124 19.83 10.83 7.98
N GLU C 125 19.10 11.87 8.41
CA GLU C 125 19.26 12.44 9.75
C GLU C 125 19.27 11.33 10.81
N GLY C 126 20.18 11.43 11.78
CA GLY C 126 20.24 10.42 12.84
C GLY C 126 20.88 10.94 14.12
N ASP C 127 21.31 9.98 14.95
CA ASP C 127 21.56 10.22 16.37
C ASP C 127 23.01 10.60 16.65
N ALA C 128 23.25 11.05 17.89
CA ALA C 128 24.58 11.34 18.40
C ALA C 128 25.23 12.49 17.64
N GLY C 129 24.46 13.53 17.32
CA GLY C 129 25.03 14.74 16.74
C GLY C 129 25.75 15.58 17.80
N MET C 130 26.43 16.64 17.34
CA MET C 130 27.25 17.48 18.20
C MET C 130 26.41 18.57 18.88
N THR C 131 25.50 19.20 18.12
CA THR C 131 24.74 20.33 18.63
C THR C 131 23.23 20.13 18.50
N ARG C 132 22.80 18.96 17.99
CA ARG C 132 21.40 18.61 17.95
C ARG C 132 21.15 17.32 18.76
N ALA C 133 20.00 17.26 19.46
CA ALA C 133 19.67 16.09 20.27
C ALA C 133 19.01 15.04 19.40
N ASP C 134 19.11 13.76 19.81
CA ASP C 134 18.47 12.64 19.14
C ASP C 134 16.97 12.89 19.04
N GLU C 135 16.38 12.42 17.94
CA GLU C 135 14.96 12.59 17.64
C GLU C 135 14.08 12.01 18.76
N PHE C 136 14.53 10.94 19.42
CA PHE C 136 13.79 10.32 20.50
C PHE C 136 13.40 11.34 21.57
N PHE C 137 14.25 12.33 21.84
CA PHE C 137 14.00 13.30 22.89
C PHE C 137 13.14 14.47 22.41
N GLY C 138 12.68 14.46 21.15
CA GLY C 138 11.57 15.33 20.77
C GLY C 138 11.90 16.36 19.69
N ASP C 139 13.18 16.66 19.46
CA ASP C 139 13.55 17.75 18.56
C ASP C 139 14.94 17.52 17.99
N ASN C 140 14.99 17.12 16.72
CA ASN C 140 16.24 16.65 16.10
C ASN C 140 16.89 17.75 15.26
N HIS C 141 16.33 18.97 15.30
CA HIS C 141 16.71 19.99 14.34
C HIS C 141 17.21 21.28 15.00
N SER C 142 16.67 21.64 16.18
CA SER C 142 17.06 22.88 16.85
C SER C 142 18.44 22.74 17.45
N PHE C 143 19.17 23.87 17.45
CA PHE C 143 20.37 23.99 18.25
C PHE C 143 20.03 23.73 19.71
N ASN C 144 20.92 22.99 20.39
CA ASN C 144 20.72 22.57 21.76
C ASN C 144 21.91 23.07 22.58
N GLN C 145 21.65 24.03 23.48
CA GLN C 145 22.68 24.69 24.28
C GLN C 145 23.43 23.72 25.19
N THR C 146 22.72 22.75 25.80
CA THR C 146 23.34 21.76 26.67
C THR C 146 24.42 21.00 25.90
N LEU C 147 24.11 20.62 24.66
CA LEU C 147 25.05 19.88 23.84
C LEU C 147 26.20 20.78 23.42
N PHE C 148 25.91 22.07 23.18
CA PHE C 148 26.96 23.01 22.81
C PHE C 148 27.89 23.20 24.01
N ASP C 149 27.33 23.17 25.24
CA ASP C 149 28.13 23.31 26.45
C ASP C 149 29.14 22.15 26.55
N LYS C 150 28.72 20.95 26.14
CA LYS C 150 29.61 19.80 26.09
C LYS C 150 30.69 19.99 25.03
N PHE C 151 30.31 20.55 23.88
CA PHE C 151 31.26 20.86 22.82
C PHE C 151 32.34 21.80 23.36
N VAL C 152 31.92 22.84 24.09
CA VAL C 152 32.85 23.78 24.69
C VAL C 152 33.71 23.05 25.73
N ASP C 153 33.06 22.24 26.57
CA ASP C 153 33.77 21.52 27.61
C ASP C 153 34.89 20.65 27.02
N PHE C 154 34.55 19.87 25.99
CA PHE C 154 35.52 18.97 25.36
C PHE C 154 36.63 19.78 24.69
N SER C 155 36.28 20.93 24.11
CA SER C 155 37.27 21.80 23.50
C SER C 155 38.25 22.33 24.56
N ASN C 156 37.74 22.67 25.74
CA ASN C 156 38.58 23.14 26.84
C ASN C 156 39.48 22.00 27.33
N ARG C 157 38.92 20.79 27.41
CA ARG C 157 39.60 19.64 28.00
C ARG C 157 40.66 19.07 27.07
N TYR C 158 40.48 19.14 25.74
CA TYR C 158 41.38 18.44 24.83
C TYR C 158 41.95 19.33 23.73
N GLY C 159 41.45 20.56 23.58
CA GLY C 159 41.89 21.39 22.47
C GLY C 159 42.33 22.79 22.88
N GLY C 160 42.67 22.98 24.16
CA GLY C 160 43.17 24.26 24.66
C GLY C 160 42.13 25.37 24.51
N GLY C 161 40.84 24.99 24.49
CA GLY C 161 39.75 25.93 24.34
C GLY C 161 39.26 26.08 22.89
N PHE C 162 39.84 25.28 21.99
CA PHE C 162 39.46 25.27 20.59
C PHE C 162 39.04 23.87 20.19
N TYR C 163 38.24 23.77 19.12
CA TYR C 163 37.85 22.49 18.55
C TYR C 163 38.88 22.10 17.49
N ASN C 164 39.57 20.98 17.74
CA ASN C 164 40.55 20.47 16.80
C ASN C 164 40.36 18.96 16.68
N LEU C 165 41.24 18.29 15.92
CA LEU C 165 41.03 16.89 15.58
C LEU C 165 41.00 16.00 16.84
N THR C 166 41.79 16.34 17.85
CA THR C 166 41.82 15.57 19.09
C THR C 166 40.46 15.68 19.79
N VAL C 167 39.93 16.90 19.86
CA VAL C 167 38.63 17.12 20.46
C VAL C 167 37.58 16.30 19.71
N ALA C 168 37.65 16.30 18.37
CA ALA C 168 36.66 15.64 17.54
C ALA C 168 36.54 14.17 17.90
N GLY C 169 37.69 13.51 18.06
CA GLY C 169 37.73 12.10 18.39
C GLY C 169 37.06 11.81 19.73
N GLU C 170 37.34 12.65 20.73
CA GLU C 170 36.81 12.46 22.07
C GLU C 170 35.31 12.73 22.07
N LEU C 171 34.89 13.81 21.42
CA LEU C 171 33.50 14.23 21.47
C LEU C 171 32.61 13.20 20.77
N ARG C 172 33.06 12.70 19.61
CA ARG C 172 32.28 11.76 18.83
C ARG C 172 31.95 10.54 19.70
N TYR C 173 32.97 9.99 20.35
CA TYR C 173 32.80 8.79 21.15
C TYR C 173 31.87 9.08 22.33
N SER C 174 32.13 10.18 23.03
CA SER C 174 31.34 10.53 24.19
C SER C 174 29.87 10.69 23.82
N ARG C 175 29.59 11.26 22.64
CA ARG C 175 28.22 11.49 22.20
C ARG C 175 27.54 10.15 21.89
N ILE C 176 28.28 9.21 21.31
CA ILE C 176 27.77 7.86 21.11
C ILE C 176 27.38 7.26 22.47
N GLN C 177 28.27 7.38 23.47
CA GLN C 177 28.02 6.81 24.79
C GLN C 177 26.80 7.45 25.43
N ASP C 178 26.64 8.78 25.31
CA ASP C 178 25.43 9.46 25.80
C ASP C 178 24.17 8.82 25.23
N SER C 179 24.14 8.61 23.91
CA SER C 179 22.97 8.06 23.26
C SER C 179 22.71 6.61 23.67
N ILE C 180 23.78 5.81 23.84
CA ILE C 180 23.63 4.44 24.32
C ILE C 180 22.92 4.46 25.68
N ALA C 181 23.35 5.35 26.56
CA ALA C 181 22.94 5.34 27.95
C ALA C 181 21.52 5.89 28.11
N THR C 182 21.04 6.73 27.17
CA THR C 182 19.83 7.49 27.44
C THR C 182 18.75 7.31 26.38
N ASN C 183 19.08 6.75 25.21
CA ASN C 183 18.15 6.70 24.10
C ASN C 183 17.91 5.24 23.75
N PRO C 184 16.74 4.68 24.11
CA PRO C 184 16.48 3.26 23.83
C PRO C 184 16.24 2.94 22.35
N GLU C 185 16.03 3.97 21.52
CA GLU C 185 15.84 3.78 20.09
C GLU C 185 17.11 4.14 19.31
N PHE C 186 18.24 4.36 20.00
CA PHE C 186 19.49 4.74 19.39
C PHE C 186 19.86 3.80 18.25
N GLN C 187 20.04 4.39 17.05
CA GLN C 187 20.57 3.72 15.87
C GLN C 187 21.85 4.43 15.44
N PHE C 188 22.85 3.66 15.00
CA PHE C 188 24.12 4.22 14.56
C PHE C 188 24.72 3.28 13.52
N LYS C 189 24.01 3.15 12.38
CA LYS C 189 24.37 2.20 11.34
C LYS C 189 24.02 2.79 9.97
N ASN C 190 24.44 2.09 8.91
CA ASN C 190 24.14 2.48 7.54
C ASN C 190 24.52 3.94 7.30
N VAL C 191 23.60 4.77 6.81
CA VAL C 191 23.95 6.13 6.41
C VAL C 191 24.58 6.88 7.60
N ARG C 192 23.93 6.82 8.76
CA ARG C 192 24.33 7.63 9.89
C ARG C 192 25.74 7.29 10.37
N PHE C 193 26.12 6.01 10.29
CA PHE C 193 27.42 5.62 10.78
C PHE C 193 28.48 6.33 9.94
N ILE C 194 28.22 6.45 8.63
CA ILE C 194 29.19 7.07 7.73
C ILE C 194 29.17 8.58 7.89
N THR C 195 27.99 9.20 7.86
CA THR C 195 27.90 10.66 7.85
C THR C 195 28.38 11.24 9.18
N ALA C 196 28.23 10.51 10.28
CA ALA C 196 28.53 11.07 11.59
C ALA C 196 30.01 11.36 11.74
N TYR C 197 30.89 10.58 11.11
CA TYR C 197 32.31 10.79 11.27
C TYR C 197 32.74 11.99 10.43
N GLY C 198 32.19 12.10 9.22
CA GLY C 198 32.46 13.24 8.37
C GLY C 198 32.06 14.55 9.03
N GLU C 199 30.87 14.59 9.62
CA GLU C 199 30.36 15.81 10.22
C GLU C 199 31.22 16.27 11.38
N THR C 200 31.95 15.37 12.05
CA THR C 200 32.76 15.78 13.19
C THR C 200 34.02 16.52 12.73
N VAL C 201 34.45 16.32 11.47
CA VAL C 201 35.63 17.02 10.98
C VAL C 201 35.26 18.22 10.09
N PHE C 202 34.02 18.31 9.63
CA PHE C 202 33.65 19.46 8.80
C PHE C 202 33.94 20.77 9.54
N PRO C 203 33.70 20.91 10.87
CA PRO C 203 34.04 22.16 11.56
C PRO C 203 35.50 22.56 11.45
N ILE C 204 36.39 21.57 11.40
CA ILE C 204 37.82 21.84 11.26
C ILE C 204 38.15 22.18 9.80
N ASN C 205 37.65 21.39 8.87
CA ASN C 205 38.08 21.51 7.48
C ASN C 205 37.38 22.67 6.78
N LEU C 206 36.15 23.02 7.22
CA LEU C 206 35.31 23.97 6.49
C LEU C 206 34.90 25.20 7.32
N PHE C 207 34.85 25.11 8.66
CA PHE C 207 34.41 26.24 9.47
C PHE C 207 35.60 27.08 9.94
N VAL C 208 36.81 26.51 9.91
CA VAL C 208 38.02 27.26 10.14
C VAL C 208 38.34 28.08 8.89
N ASP C 209 38.66 29.35 9.11
CA ASP C 209 38.98 30.29 8.04
C ASP C 209 40.06 29.73 7.13
N GLY C 210 39.90 29.95 5.82
CA GLY C 210 40.78 29.37 4.82
C GLY C 210 42.20 29.97 4.83
N ARG C 211 42.39 31.12 5.49
CA ARG C 211 43.72 31.71 5.62
C ARG C 211 44.53 31.05 6.73
N VAL C 212 43.91 30.19 7.55
CA VAL C 212 44.65 29.47 8.58
C VAL C 212 45.24 28.21 7.94
N THR C 213 46.56 28.21 7.74
CA THR C 213 47.23 27.14 7.02
C THR C 213 47.72 26.04 7.96
N THR C 214 48.02 26.41 9.21
CA THR C 214 48.68 25.51 10.14
C THR C 214 47.88 25.45 11.45
N ASP C 215 47.77 24.24 12.03
CA ASP C 215 47.19 24.08 13.35
C ASP C 215 45.73 24.55 13.28
N ARG C 216 44.94 23.88 12.43
CA ARG C 216 43.59 24.33 12.16
C ARG C 216 42.68 23.98 13.33
N LYS C 217 41.98 24.98 13.86
CA LYS C 217 41.22 24.82 15.10
C LYS C 217 40.13 25.89 15.12
N LEU C 218 38.95 25.53 15.65
CA LEU C 218 37.81 26.43 15.60
C LEU C 218 37.55 27.04 16.98
N SER C 219 37.38 28.37 17.02
CA SER C 219 37.06 29.06 18.26
C SER C 219 35.61 28.80 18.65
N MET C 220 35.30 28.94 19.93
CA MET C 220 33.95 28.69 20.40
C MET C 220 33.01 29.78 19.90
N GLU C 221 33.54 30.98 19.68
CA GLU C 221 32.76 32.10 19.15
C GLU C 221 32.30 31.77 17.73
N ASP C 222 33.22 31.27 16.91
CA ASP C 222 32.92 30.93 15.53
C ASP C 222 31.98 29.73 15.46
N ALA C 223 32.22 28.75 16.34
CA ALA C 223 31.33 27.59 16.43
C ALA C 223 29.91 28.04 16.74
N ALA C 224 29.74 28.92 17.72
CA ALA C 224 28.42 29.34 18.12
C ALA C 224 27.75 30.08 16.98
N SER C 225 28.53 30.92 16.31
CA SER C 225 28.03 31.74 15.23
C SER C 225 27.39 30.86 14.15
N ILE C 226 28.06 29.77 13.78
CA ILE C 226 27.61 28.91 12.70
C ILE C 226 26.55 27.93 13.18
N PHE C 227 26.85 27.19 14.26
CA PHE C 227 25.95 26.15 14.75
C PHE C 227 24.65 26.72 15.33
N ARG C 228 24.70 27.88 15.99
CA ARG C 228 23.51 28.46 16.61
C ARG C 228 22.90 29.50 15.69
N ASP C 229 23.71 30.49 15.26
CA ASP C 229 23.14 31.68 14.65
C ASP C 229 23.06 31.59 13.14
N MET C 230 23.65 30.55 12.54
CA MET C 230 23.61 30.36 11.10
CA MET C 230 23.60 30.38 11.10
C MET C 230 24.33 31.53 10.41
N ARG C 231 25.45 31.97 11.00
CA ARG C 231 26.14 33.18 10.55
C ARG C 231 27.64 32.88 10.41
N PHE C 232 28.17 33.23 9.24
CA PHE C 232 29.61 33.21 9.04
C PHE C 232 30.30 34.12 10.04
N PRO C 233 31.47 33.75 10.58
CA PRO C 233 32.34 34.73 11.25
C PRO C 233 32.51 35.98 10.40
N ASP C 234 32.72 37.13 11.04
CA ASP C 234 33.11 38.36 10.34
C ASP C 234 34.34 38.10 9.46
N ASP C 235 34.28 38.62 8.23
CA ASP C 235 35.38 38.53 7.27
C ASP C 235 35.75 37.08 6.93
N PHE C 236 34.79 36.15 7.02
CA PHE C 236 35.10 34.74 6.88
C PHE C 236 35.57 34.44 5.45
N HIS C 237 36.72 33.78 5.36
CA HIS C 237 37.21 33.28 4.09
C HIS C 237 37.10 31.76 4.08
N ARG C 238 36.54 31.21 3.01
CA ARG C 238 36.35 29.77 2.90
C ARG C 238 37.68 29.04 2.79
N SER C 239 37.63 27.72 3.02
CA SER C 239 38.76 26.83 2.79
C SER C 239 39.47 27.19 1.49
N ALA C 240 40.81 27.09 1.51
CA ALA C 240 41.64 27.43 0.37
C ALA C 240 41.65 26.29 -0.67
N VAL C 241 41.10 25.13 -0.32
CA VAL C 241 41.01 23.98 -1.21
C VAL C 241 39.64 23.33 -1.03
N PRO C 242 39.08 22.66 -2.06
CA PRO C 242 37.88 21.83 -1.88
C PRO C 242 38.16 20.85 -0.74
N ALA C 243 37.19 20.69 0.15
CA ALA C 243 37.42 19.82 1.29
C ALA C 243 36.10 19.21 1.76
N SER C 244 36.26 18.14 2.55
CA SER C 244 35.12 17.46 3.12
C SER C 244 35.59 16.75 4.39
N ASN C 245 35.88 15.46 4.30
CA ASN C 245 35.95 14.61 5.47
C ASN C 245 37.39 14.24 5.82
N GLU C 246 38.38 15.08 5.46
CA GLU C 246 39.77 14.81 5.79
C GLU C 246 39.92 14.68 7.31
N GLY C 247 40.51 13.55 7.75
CA GLY C 247 40.79 13.31 9.15
C GLY C 247 39.72 12.45 9.84
N ALA C 248 38.58 12.21 9.19
CA ALA C 248 37.51 11.40 9.76
C ALA C 248 38.03 10.01 10.15
N ASP C 249 38.96 9.47 9.36
CA ASP C 249 39.63 8.21 9.67
C ASP C 249 40.28 8.23 11.06
N GLN C 250 40.95 9.33 11.40
CA GLN C 250 41.66 9.43 12.66
C GLN C 250 40.67 9.55 13.82
N VAL C 251 39.49 10.12 13.55
CA VAL C 251 38.45 10.25 14.55
C VAL C 251 37.97 8.85 14.94
N LEU C 252 37.73 8.00 13.94
CA LEU C 252 37.32 6.62 14.18
C LEU C 252 38.44 5.87 14.91
N ALA C 253 39.69 6.06 14.48
CA ALA C 253 40.82 5.31 15.01
C ALA C 253 41.05 5.65 16.50
N ALA C 254 40.74 6.87 16.94
CA ALA C 254 40.91 7.27 18.33
C ALA C 254 39.96 6.49 19.25
N HIS C 255 38.80 6.07 18.73
CA HIS C 255 37.87 5.28 19.52
C HIS C 255 37.14 4.31 18.58
N PRO C 256 37.82 3.22 18.13
CA PRO C 256 37.24 2.30 17.16
C PRO C 256 35.81 1.93 17.56
N TRP C 257 34.93 1.89 16.56
CA TRP C 257 33.52 1.69 16.82
C TRP C 257 32.86 1.03 15.62
N VAL C 258 31.81 0.27 15.92
CA VAL C 258 31.20 -0.61 14.95
C VAL C 258 29.74 -0.21 14.81
N PRO C 259 29.20 -0.15 13.57
CA PRO C 259 27.80 0.22 13.38
C PRO C 259 26.87 -0.73 14.13
N GLY C 260 25.73 -0.21 14.58
CA GLY C 260 24.75 -1.02 15.28
C GLY C 260 23.71 -0.11 15.94
N GLY C 261 23.16 -0.56 17.08
CA GLY C 261 22.12 0.18 17.76
C GLY C 261 21.73 -0.48 19.09
N ASN C 262 20.98 0.26 19.90
CA ASN C 262 20.37 -0.31 21.10
C ASN C 262 19.25 -1.24 20.66
N ALA C 263 19.30 -2.52 21.09
CA ALA C 263 18.29 -3.50 20.71
C ALA C 263 17.13 -3.51 21.72
N ASP C 264 15.93 -3.87 21.23
CA ASP C 264 14.80 -4.27 22.03
C ASP C 264 14.32 -3.11 22.92
N ASN C 265 14.48 -1.88 22.42
CA ASN C 265 13.93 -0.71 23.08
C ASN C 265 14.48 -0.56 24.50
N GLN C 266 15.78 -0.86 24.68
CA GLN C 266 16.44 -0.74 25.98
C GLN C 266 17.71 0.09 25.86
N VAL C 267 18.02 0.87 26.90
CA VAL C 267 19.29 1.56 26.99
C VAL C 267 20.41 0.59 27.36
N ASN C 268 21.66 1.05 27.21
CA ASN C 268 22.86 0.29 27.50
C ASN C 268 22.77 -1.13 26.94
N ASN C 269 22.38 -1.23 25.67
CA ASN C 269 22.11 -2.53 25.06
C ASN C 269 22.50 -2.48 23.59
N TYR C 270 23.75 -2.08 23.32
CA TYR C 270 24.19 -1.81 21.97
C TYR C 270 24.64 -3.12 21.31
N VAL C 271 24.01 -3.45 20.18
CA VAL C 271 24.33 -4.66 19.42
C VAL C 271 24.86 -4.26 18.04
N GLU C 272 26.03 -4.82 17.69
CA GLU C 272 26.66 -4.60 16.40
CA GLU C 272 26.66 -4.61 16.40
C GLU C 272 25.75 -5.12 15.29
N ASP C 273 25.79 -4.48 14.13
CA ASP C 273 25.12 -4.96 12.91
C ASP C 273 26.19 -5.23 11.85
N PRO C 274 26.51 -6.50 11.56
CA PRO C 274 27.61 -6.83 10.64
C PRO C 274 27.26 -6.62 9.16
N ASP C 275 25.97 -6.42 8.86
CA ASP C 275 25.52 -6.16 7.50
C ASP C 275 25.61 -4.68 7.11
N SER C 276 25.79 -3.78 8.08
CA SER C 276 25.79 -2.34 7.83
C SER C 276 27.02 -1.95 7.01
N ALA C 277 26.89 -0.88 6.23
CA ALA C 277 28.05 -0.19 5.69
C ALA C 277 29.01 0.18 6.81
N ASP C 278 30.29 0.24 6.45
CA ASP C 278 31.33 0.82 7.30
C ASP C 278 32.37 1.42 6.36
N PHE C 279 33.52 1.86 6.91
CA PHE C 279 34.46 2.65 6.15
C PHE C 279 35.26 1.79 5.16
N THR C 280 35.27 0.47 5.32
CA THR C 280 35.87 -0.39 4.31
C THR C 280 34.80 -1.08 3.47
N HIS C 281 33.52 -0.73 3.65
CA HIS C 281 32.42 -1.35 2.90
C HIS C 281 31.41 -0.27 2.49
N LEU C 282 31.90 0.75 1.79
CA LEU C 282 31.13 1.93 1.48
C LEU C 282 30.01 1.64 0.48
N CYS C 283 30.22 0.68 -0.42
CA CYS C 283 29.23 0.41 -1.46
C CYS C 283 27.95 -0.16 -0.85
N ARG C 284 28.02 -0.78 0.33
CA ARG C 284 26.81 -1.21 1.01
C ARG C 284 25.90 -0.02 1.32
N LEU C 285 26.47 1.15 1.55
CA LEU C 285 25.68 2.34 1.79
C LEU C 285 24.89 2.66 0.53
N TYR C 286 25.57 2.60 -0.62
CA TYR C 286 24.92 2.85 -1.91
C TYR C 286 23.73 1.89 -2.08
N GLU C 287 23.99 0.59 -1.91
CA GLU C 287 22.96 -0.42 -2.13
C GLU C 287 21.81 -0.22 -1.14
N PHE C 288 22.13 0.06 0.11
CA PHE C 288 21.10 0.25 1.13
C PHE C 288 20.19 1.40 0.74
N VAL C 289 20.76 2.53 0.34
CA VAL C 289 19.96 3.69 0.01
C VAL C 289 19.10 3.43 -1.23
N VAL C 290 19.63 2.71 -2.22
CA VAL C 290 18.83 2.43 -3.40
C VAL C 290 17.62 1.59 -2.99
N GLY C 291 17.83 0.65 -2.07
CA GLY C 291 16.74 -0.12 -1.47
C GLY C 291 15.72 0.77 -0.76
N SER C 292 16.23 1.74 0.01
CA SER C 292 15.35 2.66 0.71
C SER C 292 14.49 3.43 -0.29
N VAL C 293 15.09 3.84 -1.43
CA VAL C 293 14.35 4.60 -2.42
C VAL C 293 13.22 3.74 -3.01
N GLN C 294 13.50 2.46 -3.25
CA GLN C 294 12.50 1.55 -3.81
C GLN C 294 11.33 1.38 -2.84
N GLU C 295 11.60 1.36 -1.53
CA GLU C 295 10.55 1.30 -0.51
C GLU C 295 9.68 2.55 -0.54
N LEU C 296 10.28 3.73 -0.78
CA LEU C 296 9.52 4.96 -0.87
C LEU C 296 8.70 5.01 -2.16
N TYR C 297 9.26 4.43 -3.24
CA TYR C 297 8.68 4.54 -4.57
C TYR C 297 8.61 3.13 -5.20
N PRO C 298 7.63 2.30 -4.77
CA PRO C 298 7.57 0.90 -5.19
C PRO C 298 7.31 0.65 -6.67
N ASN C 299 6.52 1.50 -7.34
CA ASN C 299 6.16 1.22 -8.72
C ASN C 299 5.84 2.51 -9.48
N PRO C 300 6.80 3.44 -9.67
CA PRO C 300 6.52 4.72 -10.32
C PRO C 300 6.39 4.62 -11.83
N THR C 301 5.65 5.57 -12.41
CA THR C 301 5.59 5.74 -13.86
C THR C 301 5.69 7.23 -14.21
N GLY C 302 5.71 7.52 -15.52
CA GLY C 302 5.62 8.90 -15.98
C GLY C 302 6.80 9.74 -15.50
N ILE C 303 6.54 11.02 -15.20
CA ILE C 303 7.58 11.98 -14.86
C ILE C 303 8.27 11.59 -13.57
N LEU C 304 7.52 11.01 -12.62
CA LEU C 304 8.11 10.61 -11.34
C LEU C 304 9.19 9.55 -11.58
N ARG C 305 8.87 8.55 -12.39
CA ARG C 305 9.83 7.52 -12.72
C ARG C 305 11.05 8.13 -13.42
N ARG C 306 10.82 9.00 -14.40
CA ARG C 306 11.89 9.63 -15.18
C ARG C 306 12.83 10.40 -14.24
N ASN C 307 12.26 11.20 -13.34
CA ASN C 307 13.07 12.00 -12.45
C ASN C 307 13.75 11.14 -11.39
N LEU C 308 13.16 10.01 -11.04
CA LEU C 308 13.83 9.09 -10.12
C LEU C 308 15.08 8.51 -10.78
N ILE C 309 14.94 8.11 -12.04
CA ILE C 309 16.04 7.50 -12.78
C ILE C 309 17.19 8.51 -12.87
N LYS C 310 16.86 9.75 -13.18
CA LYS C 310 17.88 10.78 -13.34
C LYS C 310 18.61 11.06 -12.04
N ASN C 311 17.85 11.24 -10.96
CA ASN C 311 18.41 11.60 -9.67
C ASN C 311 19.26 10.46 -9.13
N LEU C 312 18.82 9.22 -9.37
CA LEU C 312 19.59 8.05 -8.95
C LEU C 312 20.95 8.03 -9.65
N HIS C 313 20.95 8.33 -10.94
CA HIS C 313 22.18 8.38 -11.73
C HIS C 313 23.06 9.53 -11.25
N TYR C 314 22.47 10.72 -11.01
CA TYR C 314 23.24 11.86 -10.54
C TYR C 314 23.95 11.47 -9.23
N TRP C 315 23.21 10.80 -8.34
CA TRP C 315 23.77 10.39 -7.07
C TRP C 315 24.95 9.43 -7.29
N TRP C 316 24.74 8.44 -8.15
CA TRP C 316 25.78 7.49 -8.48
C TRP C 316 27.04 8.20 -8.99
N THR C 317 26.92 9.30 -9.76
CA THR C 317 28.12 9.94 -10.29
C THR C 317 29.01 10.41 -9.15
N GLY C 318 28.40 10.89 -8.05
CA GLY C 318 29.17 11.28 -6.88
C GLY C 318 29.68 10.09 -6.08
N VAL C 319 28.81 9.09 -5.88
CA VAL C 319 29.15 7.91 -5.11
C VAL C 319 30.33 7.19 -5.75
N ASN C 320 30.33 7.10 -7.08
CA ASN C 320 31.32 6.31 -7.78
C ASN C 320 32.72 6.78 -7.44
N VAL C 321 32.89 8.11 -7.39
CA VAL C 321 34.17 8.71 -7.10
C VAL C 321 34.41 8.68 -5.60
N ALA C 322 33.45 9.18 -4.82
CA ALA C 322 33.68 9.38 -3.39
C ALA C 322 33.90 8.04 -2.68
N PHE C 323 33.28 6.96 -3.15
CA PHE C 323 33.36 5.69 -2.46
C PHE C 323 34.38 4.78 -3.12
N GLY C 324 35.05 5.25 -4.19
CA GLY C 324 36.12 4.48 -4.79
C GLY C 324 35.61 3.36 -5.71
N GLY C 325 34.44 3.57 -6.34
CA GLY C 325 33.93 2.69 -7.38
C GLY C 325 32.83 1.75 -6.87
N CYS C 326 31.60 1.92 -7.36
CA CYS C 326 30.46 1.07 -7.04
C CYS C 326 29.72 0.78 -8.34
N ASP C 327 29.26 -0.45 -8.54
CA ASP C 327 28.46 -0.78 -9.69
C ASP C 327 27.10 -0.10 -9.56
N GLU C 328 26.73 0.64 -10.59
CA GLU C 328 25.47 1.35 -10.62
C GLU C 328 24.31 0.34 -10.63
N LEU C 329 23.24 0.64 -9.89
CA LEU C 329 22.00 -0.11 -9.91
C LEU C 329 20.95 0.64 -10.71
N PHE C 330 20.03 -0.10 -11.34
CA PHE C 330 19.03 0.50 -12.20
C PHE C 330 17.65 0.01 -11.82
N PRO C 331 17.15 0.40 -10.62
CA PRO C 331 15.90 -0.17 -10.10
C PRO C 331 14.69 0.12 -10.97
N TYR C 332 14.77 1.17 -11.80
CA TYR C 332 13.67 1.55 -12.65
C TYR C 332 14.07 1.50 -14.12
N GLY C 333 15.12 0.74 -14.43
CA GLY C 333 15.60 0.64 -15.81
C GLY C 333 16.25 1.94 -16.28
N GLN C 334 16.04 2.29 -17.56
CA GLN C 334 16.72 3.38 -18.23
C GLN C 334 15.65 4.28 -18.86
N LEU C 335 16.03 5.51 -19.20
CA LEU C 335 15.12 6.47 -19.81
C LEU C 335 14.61 5.94 -21.17
#